data_2Q86
#
_entry.id   2Q86
#
_cell.length_a   65.293
_cell.length_b   150.518
_cell.length_c   65.814
_cell.angle_alpha   90.00
_cell.angle_beta   117.04
_cell.angle_gamma   90.00
#
_symmetry.space_group_name_H-M   'P 1 21 1'
#
loop_
_entity.id
_entity.type
_entity.pdbx_description
1 polymer 'Valpha14 TCR'
2 polymer Vbeta8.2
3 branched alpha-D-mannopyranose-(1-6)-beta-D-mannopyranose-(1-4)-2-acetamido-2-deoxy-beta-D-glucopyranose-(1-4)-[alpha-L-fucopyranose-(1-6)]2-acetamido-2-deoxy-beta-D-glucopyranose
4 branched beta-D-mannopyranose-(1-4)-2-acetamido-2-deoxy-beta-D-glucopyranose-(1-4)-[alpha-L-fucopyranose-(1-6)]2-acetamido-2-deoxy-beta-D-glucopyranose
5 non-polymer 2-acetamido-2-deoxy-beta-D-glucopyranose
6 water water
#
loop_
_entity_poly.entity_id
_entity_poly.type
_entity_poly.pdbx_seq_one_letter_code
_entity_poly.pdbx_strand_id
1 'polypeptide(L)'
;KTQVEQSPQSLVVRQGENCVLQCNYSVTPDNHLRWYKQDTGKGLVLLTVLVDQKDKTSNGRYSATLDKDAKHSTLHITAT
LLDDTATYFCVVGDRGSALFGSGTQLIVIPYIQNPEPAVYQLKDPRSQDSTLCLFTDFDSQINVPKTMESGTFITDKCVL
DMKAMDSKSNGAIAWSNQTSFTCQDIFKETNATYPSSDVPCDATLTEKSFETDMNLNFQNLSSADLVPR
;
A,C
2 'polypeptide(L)'
;EAAVTQSPRNKVAVTGGKVTLSCNQTNNHNNMYWYRQDTGHGLRLIHYSYGAGSTEKGDIPDGYKASRPSQENFSLILEL
ATPSQTSVYFCASGGGGTLYFGAGTRLSVLEDLRNVTPPKVSLFEPSKAEIANKQKATLVCLARGFFPDHVELSWWVNGK
EVHSGVCTDPQAYKESNYSYCLSSRLRVSATFWHNPRNHFRCQVQFHGLSEEDKWPEGSPKPVTQNISAEAWGRADCGIT
SASYHQSSADLVPR
;
B,D
#
loop_
_chem_comp.id
_chem_comp.type
_chem_comp.name
_chem_comp.formula
BMA D-saccharide, beta linking beta-D-mannopyranose 'C6 H12 O6'
FUC L-saccharide, alpha linking alpha-L-fucopyranose 'C6 H12 O5'
MAN D-saccharide, alpha linking alpha-D-mannopyranose 'C6 H12 O6'
NAG D-saccharide, beta linking 2-acetamido-2-deoxy-beta-D-glucopyranose 'C8 H15 N O6'
#
# COMPACT_ATOMS: atom_id res chain seq x y z
N LYS A 1 -2.80 18.24 -17.92
CA LYS A 1 -1.97 18.50 -16.72
C LYS A 1 -2.80 19.11 -15.59
N THR A 2 -2.83 18.45 -14.46
CA THR A 2 -3.59 18.93 -13.30
C THR A 2 -3.12 20.31 -12.84
N GLN A 3 -4.07 21.14 -12.42
CA GLN A 3 -3.74 22.47 -11.95
C GLN A 3 -3.74 22.62 -10.44
N VAL A 4 -3.97 21.52 -9.70
CA VAL A 4 -3.98 21.54 -8.23
C VAL A 4 -3.25 20.29 -7.77
N GLU A 5 -2.20 20.47 -6.97
CA GLU A 5 -1.39 19.36 -6.47
C GLU A 5 -1.29 19.40 -4.95
N GLN A 6 -1.32 18.21 -4.33
CA GLN A 6 -1.33 18.07 -2.89
C GLN A 6 -0.22 17.14 -2.40
N SER A 7 0.26 17.41 -1.19
CA SER A 7 1.29 16.61 -0.52
C SER A 7 0.93 16.64 0.97
N PRO A 8 1.17 15.53 1.69
CA PRO A 8 1.61 14.22 1.20
C PRO A 8 0.54 13.62 0.31
N GLN A 9 0.91 12.67 -0.54
CA GLN A 9 -0.10 11.94 -1.28
C GLN A 9 -0.86 11.03 -0.29
N SER A 10 -0.12 10.44 0.64
CA SER A 10 -0.72 9.62 1.70
C SER A 10 0.17 9.61 2.91
N LEU A 11 -0.44 9.33 4.05
CA LEU A 11 0.33 9.21 5.27
C LEU A 11 -0.44 8.48 6.33
N VAL A 12 0.31 7.74 7.13
CA VAL A 12 -0.25 6.97 8.23
C VAL A 12 0.41 7.52 9.48
N VAL A 13 -0.39 8.12 10.37
CA VAL A 13 0.20 8.76 11.55
C VAL A 13 -0.40 8.19 12.84
N ARG A 14 0.35 8.30 13.93
CA ARG A 14 -0.14 7.77 15.19
C ARG A 14 -1.07 8.77 15.85
N GLN A 15 -2.12 8.25 16.46
CA GLN A 15 -3.11 9.09 17.09
C GLN A 15 -2.49 10.08 18.09
N GLY A 16 -2.94 11.34 18.04
CA GLY A 16 -2.45 12.39 18.94
C GLY A 16 -1.38 13.24 18.29
N GLU A 17 -0.78 12.73 17.20
CA GLU A 17 0.23 13.50 16.44
C GLU A 17 -0.43 14.60 15.63
N ASN A 18 0.29 15.70 15.40
CA ASN A 18 -0.24 16.77 14.55
C ASN A 18 0.17 16.40 13.13
N CYS A 19 -0.56 16.88 12.15
CA CYS A 19 -0.05 16.73 10.80
C CYS A 19 -0.34 17.95 9.95
N VAL A 20 0.44 18.10 8.89
CA VAL A 20 0.35 19.26 8.03
C VAL A 20 0.12 18.78 6.62
N LEU A 21 -0.95 19.29 6.00
CA LEU A 21 -1.23 18.96 4.59
C LEU A 21 -0.96 20.21 3.77
N GLN A 22 -0.53 20.00 2.53
CA GLN A 22 -0.11 21.07 1.67
C GLN A 22 -0.84 20.99 0.34
N CYS A 23 -1.02 22.15 -0.26
CA CYS A 23 -1.63 22.24 -1.57
C CYS A 23 -1.00 23.40 -2.31
N ASN A 24 -0.76 23.23 -3.61
CA ASN A 24 -0.39 24.36 -4.45
C ASN A 24 -1.03 24.23 -5.84
N TYR A 25 -1.19 25.36 -6.50
CA TYR A 25 -2.01 25.37 -7.70
C TYR A 25 -1.48 26.33 -8.76
N SER A 26 -1.98 26.21 -9.98
CA SER A 26 -1.59 27.09 -11.07
C SER A 26 -2.83 27.76 -11.67
N VAL A 27 -3.99 27.45 -11.09
CA VAL A 27 -5.29 27.92 -11.57
C VAL A 27 -5.52 29.41 -11.29
N THR A 28 -6.11 30.09 -12.28
CA THR A 28 -6.59 31.48 -12.16
C THR A 28 -7.96 31.52 -12.84
N PRO A 29 -8.96 32.21 -12.25
CA PRO A 29 -8.91 32.93 -10.98
C PRO A 29 -8.90 32.01 -9.75
N ASP A 30 -8.42 32.56 -8.63
CA ASP A 30 -8.32 31.83 -7.37
C ASP A 30 -8.86 32.73 -6.26
N ASN A 31 -10.12 33.08 -6.36
CA ASN A 31 -10.72 34.02 -5.42
C ASN A 31 -10.87 33.41 -4.03
N HIS A 32 -11.12 32.10 -4.00
CA HIS A 32 -11.27 31.37 -2.77
C HIS A 32 -10.54 30.03 -2.89
N LEU A 33 -10.09 29.49 -1.77
CA LEU A 33 -9.55 28.15 -1.72
C LEU A 33 -10.21 27.50 -0.50
N ARG A 34 -10.62 26.24 -0.66
CA ARG A 34 -11.32 25.53 0.41
C ARG A 34 -10.71 24.16 0.65
N TRP A 35 -10.77 23.71 1.90
CA TRP A 35 -10.38 22.34 2.22
C TRP A 35 -11.65 21.57 2.61
N TYR A 36 -11.78 20.36 2.06
CA TYR A 36 -12.87 19.42 2.33
C TYR A 36 -12.30 18.10 2.87
N LYS A 37 -13.09 17.44 3.71
CA LYS A 37 -12.80 16.11 4.25
C LYS A 37 -13.83 15.13 3.69
N GLN A 38 -13.36 13.96 3.26
CA GLN A 38 -14.27 12.91 2.82
C GLN A 38 -13.92 11.61 3.52
N ASP A 39 -14.86 11.10 4.32
CA ASP A 39 -14.71 9.79 5.00
C ASP A 39 -15.03 8.66 4.03
N THR A 40 -14.59 7.46 4.39
CA THR A 40 -14.93 6.23 3.64
C THR A 40 -16.42 6.17 3.21
N GLY A 41 -16.62 6.16 1.89
CA GLY A 41 -17.94 6.13 1.27
C GLY A 41 -18.87 7.27 1.67
N LYS A 42 -18.32 8.43 1.96
CA LYS A 42 -19.15 9.52 2.42
C LYS A 42 -19.09 10.70 1.46
N GLY A 43 -19.86 11.73 1.78
CA GLY A 43 -19.83 12.94 0.98
C GLY A 43 -18.76 13.83 1.54
N LEU A 44 -18.57 14.97 0.90
CA LEU A 44 -17.57 15.89 1.35
C LEU A 44 -18.11 16.86 2.40
N VAL A 45 -17.23 17.22 3.34
CA VAL A 45 -17.57 18.17 4.40
C VAL A 45 -16.54 19.31 4.38
N LEU A 46 -17.04 20.54 4.30
CA LEU A 46 -16.19 21.72 4.22
C LEU A 46 -15.53 21.96 5.56
N LEU A 47 -14.22 22.17 5.53
CA LEU A 47 -13.44 22.42 6.76
C LEU A 47 -13.08 23.88 6.95
N THR A 48 -12.76 24.55 5.85
CA THR A 48 -12.39 25.97 5.93
C THR A 48 -12.43 26.63 4.55
N VAL A 49 -12.57 27.96 4.55
CA VAL A 49 -12.62 28.79 3.34
C VAL A 49 -11.59 29.89 3.54
N LEU A 50 -10.66 30.02 2.60
CA LEU A 50 -9.60 31.04 2.63
C LEU A 50 -9.81 31.97 1.44
N VAL A 51 -9.68 33.26 1.65
CA VAL A 51 -10.10 34.27 0.67
C VAL A 51 -9.11 35.40 0.39
N ASP A 52 -8.36 35.81 1.41
CA ASP A 52 -7.49 36.99 1.29
C ASP A 52 -6.14 36.60 0.69
N GLN A 53 -5.41 37.61 0.20
CA GLN A 53 -4.11 37.36 -0.46
C GLN A 53 -3.17 36.56 0.43
N LYS A 54 -3.09 36.97 1.69
CA LYS A 54 -2.43 36.19 2.72
C LYS A 54 -3.59 35.98 3.67
N ASP A 55 -3.92 34.73 3.95
CA ASP A 55 -5.05 34.43 4.83
C ASP A 55 -4.69 33.34 5.82
N LYS A 56 -5.41 33.32 6.94
CA LYS A 56 -5.17 32.38 8.03
C LYS A 56 -6.53 32.12 8.68
N THR A 57 -6.87 30.86 8.91
CA THR A 57 -8.16 30.53 9.52
C THR A 57 -7.97 29.52 10.64
N SER A 58 -8.96 29.48 11.55
CA SER A 58 -9.01 28.55 12.71
C SER A 58 -10.39 27.93 12.81
N ASN A 59 -10.44 26.61 12.90
CA ASN A 59 -11.70 25.87 13.08
C ASN A 59 -11.46 24.65 13.98
N GLY A 60 -11.48 24.88 15.30
CA GLY A 60 -11.23 23.83 16.28
C GLY A 60 -9.82 23.29 16.11
N ARG A 61 -9.70 21.99 15.85
CA ARG A 61 -8.39 21.37 15.65
C ARG A 61 -7.77 21.68 14.29
N TYR A 62 -8.52 22.33 13.40
CA TYR A 62 -8.00 22.70 12.10
C TYR A 62 -7.54 24.15 12.09
N SER A 63 -6.41 24.36 11.43
CA SER A 63 -5.94 25.71 11.15
C SER A 63 -5.42 25.66 9.72
N ALA A 64 -5.56 26.75 8.99
CA ALA A 64 -5.14 26.75 7.59
C ALA A 64 -4.50 28.06 7.21
N THR A 65 -3.69 28.04 6.15
CA THR A 65 -3.06 29.25 5.63
C THR A 65 -3.24 29.32 4.12
N LEU A 66 -3.18 30.54 3.56
CA LEU A 66 -3.20 30.75 2.13
C LEU A 66 -2.24 31.86 1.73
N ASP A 67 -1.42 31.59 0.73
CA ASP A 67 -0.51 32.58 0.18
C ASP A 67 -0.84 32.58 -1.31
N LYS A 68 -1.61 33.58 -1.75
CA LYS A 68 -1.99 33.69 -3.15
C LYS A 68 -0.83 34.07 -4.06
N ASP A 69 0.20 34.73 -3.52
CA ASP A 69 1.38 35.07 -4.32
C ASP A 69 2.10 33.79 -4.78
N ALA A 70 2.28 32.85 -3.85
CA ALA A 70 2.91 31.56 -4.13
C ALA A 70 1.91 30.54 -4.66
N LYS A 71 0.63 30.85 -4.55
CA LYS A 71 -0.48 29.91 -4.89
C LYS A 71 -0.33 28.62 -4.07
N HIS A 72 -0.32 28.79 -2.75
CA HIS A 72 0.04 27.71 -1.84
C HIS A 72 -0.87 27.77 -0.63
N SER A 73 -1.28 26.61 -0.15
CA SER A 73 -2.11 26.54 1.07
C SER A 73 -1.66 25.38 1.94
N THR A 74 -1.88 25.48 3.25
CA THR A 74 -1.61 24.38 4.17
C THR A 74 -2.78 24.22 5.10
N LEU A 75 -3.01 23.00 5.55
CA LEU A 75 -4.04 22.71 6.52
C LEU A 75 -3.34 21.91 7.58
N HIS A 76 -3.46 22.39 8.81
CA HIS A 76 -2.80 21.79 9.98
C HIS A 76 -3.89 21.11 10.78
N ILE A 77 -3.73 19.82 11.10
CA ILE A 77 -4.64 19.12 12.03
C ILE A 77 -3.87 18.89 13.34
N THR A 78 -4.35 19.52 14.42
CA THR A 78 -3.72 19.38 15.73
C THR A 78 -4.30 18.15 16.42
N ALA A 79 -3.42 17.36 17.04
CA ALA A 79 -3.85 16.23 17.87
C ALA A 79 -4.86 15.33 17.20
N THR A 80 -4.40 14.62 16.17
CA THR A 80 -5.22 13.73 15.36
C THR A 80 -5.98 12.71 16.21
N LEU A 81 -7.19 12.40 15.74
CA LEU A 81 -8.08 11.43 16.35
C LEU A 81 -8.27 10.35 15.31
N LEU A 82 -8.70 9.15 15.72
CA LEU A 82 -8.93 8.08 14.74
C LEU A 82 -9.93 8.51 13.68
N ASP A 83 -10.93 9.28 14.10
CA ASP A 83 -11.97 9.78 13.17
C ASP A 83 -11.46 10.77 12.12
N ASP A 84 -10.18 11.14 12.19
CA ASP A 84 -9.55 12.01 11.18
C ASP A 84 -9.13 11.23 9.94
N THR A 85 -9.16 9.90 10.03
CA THR A 85 -8.92 9.00 8.89
C THR A 85 -9.93 9.35 7.78
N ALA A 86 -9.41 9.78 6.64
CA ALA A 86 -10.20 10.33 5.54
C ALA A 86 -9.28 10.84 4.44
N THR A 87 -9.90 11.27 3.34
CA THR A 87 -9.20 11.97 2.28
C THR A 87 -9.49 13.45 2.41
N TYR A 88 -8.45 14.27 2.27
CA TYR A 88 -8.57 15.74 2.41
C TYR A 88 -8.29 16.31 1.06
N PHE A 89 -9.26 17.07 0.55
CA PHE A 89 -9.15 17.72 -0.77
C PHE A 89 -8.95 19.20 -0.64
N CYS A 90 -8.07 19.73 -1.48
CA CYS A 90 -7.90 21.14 -1.65
C CYS A 90 -8.73 21.50 -2.88
N VAL A 91 -9.53 22.57 -2.79
CA VAL A 91 -10.40 22.96 -3.91
C VAL A 91 -10.19 24.45 -4.16
N VAL A 92 -9.79 24.75 -5.39
CA VAL A 92 -9.42 26.11 -5.74
C VAL A 92 -10.44 26.70 -6.69
N GLY A 93 -10.88 27.92 -6.39
CA GLY A 93 -11.83 28.63 -7.25
C GLY A 93 -13.25 28.42 -6.84
N ASP A 94 -14.17 28.86 -7.70
CA ASP A 94 -15.58 28.96 -7.35
C ASP A 94 -16.53 28.43 -8.41
N ARG A 95 -17.64 27.86 -7.95
CA ARG A 95 -18.71 27.45 -8.85
C ARG A 95 -18.20 26.58 -10.00
N GLY A 96 -18.54 26.93 -11.25
CA GLY A 96 -18.13 26.12 -12.39
C GLY A 96 -16.65 26.06 -12.69
N SER A 97 -15.89 26.97 -12.10
CA SER A 97 -14.44 27.05 -12.30
C SER A 97 -13.62 26.36 -11.21
N ALA A 98 -14.28 25.85 -10.17
CA ALA A 98 -13.57 25.20 -9.07
C ALA A 98 -12.92 23.89 -9.50
N LEU A 99 -11.71 23.67 -9.01
CA LEU A 99 -10.92 22.49 -9.39
C LEU A 99 -10.44 21.78 -8.13
N PHE A 100 -10.60 20.47 -8.09
CA PHE A 100 -10.18 19.66 -6.94
C PHE A 100 -8.79 19.10 -7.14
N GLY A 101 -8.01 19.06 -6.07
CA GLY A 101 -6.76 18.28 -6.10
C GLY A 101 -7.13 16.81 -5.96
N SER A 102 -6.15 15.93 -6.12
CA SER A 102 -6.39 14.49 -6.07
C SER A 102 -6.52 13.96 -4.63
N GLY A 103 -6.24 14.83 -3.67
CA GLY A 103 -6.42 14.50 -2.26
C GLY A 103 -5.17 13.91 -1.58
N THR A 104 -5.17 14.03 -0.26
CA THR A 104 -4.22 13.39 0.65
C THR A 104 -5.01 12.33 1.42
N GLN A 105 -4.58 11.07 1.36
CA GLN A 105 -5.22 10.04 2.14
C GLN A 105 -4.54 10.03 3.50
N LEU A 106 -5.30 10.33 4.54
CA LEU A 106 -4.79 10.29 5.91
C LEU A 106 -5.34 9.07 6.67
N ILE A 107 -4.44 8.33 7.30
CA ILE A 107 -4.87 7.23 8.19
C ILE A 107 -4.28 7.50 9.57
N VAL A 108 -5.12 7.43 10.59
CA VAL A 108 -4.64 7.63 11.96
C VAL A 108 -4.78 6.28 12.65
N ILE A 109 -3.69 5.80 13.26
CA ILE A 109 -3.65 4.51 13.94
C ILE A 109 -3.44 4.67 15.46
N PRO A 110 -4.10 3.83 16.25
CA PRO A 110 -4.01 4.05 17.70
C PRO A 110 -2.74 3.45 18.36
N TYR A 111 -2.43 3.91 19.58
CA TYR A 111 -1.39 3.29 20.39
C TYR A 111 -2.12 2.21 21.18
N ILE A 112 -1.55 1.00 21.20
CA ILE A 112 -2.12 -0.15 21.90
C ILE A 112 -1.18 -0.33 23.08
N GLN A 113 -1.64 0.01 24.29
CA GLN A 113 -0.76 -0.04 25.46
C GLN A 113 -0.41 -1.47 25.82
N ASN A 114 -1.36 -2.39 25.68
CA ASN A 114 -1.13 -3.79 26.07
C ASN A 114 -1.54 -4.80 24.99
N PRO A 115 -0.74 -4.91 23.92
CA PRO A 115 -1.14 -5.86 22.87
C PRO A 115 -1.08 -7.28 23.42
N GLU A 116 -2.03 -8.11 22.98
CA GLU A 116 -2.07 -9.52 23.35
C GLU A 116 -2.34 -10.29 22.06
N PRO A 117 -1.35 -10.32 21.13
CA PRO A 117 -1.66 -10.91 19.83
C PRO A 117 -2.07 -12.37 19.91
N ALA A 118 -3.13 -12.71 19.18
CA ALA A 118 -3.64 -14.09 19.15
C ALA A 118 -4.27 -14.42 17.82
N VAL A 119 -4.10 -15.65 17.38
CA VAL A 119 -4.74 -16.13 16.16
C VAL A 119 -5.77 -17.18 16.54
N TYR A 120 -7.01 -16.96 16.09
CA TYR A 120 -8.10 -17.87 16.39
C TYR A 120 -8.69 -18.43 15.10
N GLN A 121 -9.07 -19.70 15.13
CA GLN A 121 -9.81 -20.30 14.02
C GLN A 121 -11.30 -20.26 14.40
N LEU A 122 -12.12 -19.78 13.48
CA LEU A 122 -13.56 -19.70 13.70
C LEU A 122 -14.26 -20.59 12.70
N LYS A 123 -15.41 -21.12 13.09
CA LYS A 123 -16.16 -22.01 12.20
C LYS A 123 -17.51 -21.43 11.78
N ASP A 124 -17.88 -21.71 10.53
CA ASP A 124 -19.19 -21.37 10.00
C ASP A 124 -20.07 -22.59 10.16
N PRO A 125 -21.06 -22.53 11.06
CA PRO A 125 -21.89 -23.71 11.30
C PRO A 125 -22.79 -24.10 10.12
N ARG A 126 -22.98 -23.21 9.14
CA ARG A 126 -23.85 -23.55 8.00
C ARG A 126 -23.09 -24.28 6.89
N SER A 127 -21.77 -24.37 7.01
CA SER A 127 -20.96 -25.10 6.04
C SER A 127 -19.99 -26.03 6.71
N GLN A 128 -20.17 -27.33 6.50
CA GLN A 128 -19.22 -28.35 6.97
C GLN A 128 -17.80 -27.93 6.55
N ASP A 129 -16.85 -28.12 7.44
CA ASP A 129 -15.43 -27.84 7.16
C ASP A 129 -15.06 -26.41 6.74
N SER A 130 -15.96 -25.45 6.89
CA SER A 130 -15.66 -24.07 6.52
C SER A 130 -15.17 -23.26 7.71
N THR A 131 -13.92 -22.80 7.61
CA THR A 131 -13.32 -22.03 8.68
C THR A 131 -12.55 -20.83 8.13
N LEU A 132 -12.05 -20.04 9.06
CA LEU A 132 -11.37 -18.80 8.76
C LEU A 132 -10.48 -18.51 9.95
N CYS A 133 -9.45 -17.69 9.74
CA CYS A 133 -8.54 -17.31 10.80
C CYS A 133 -8.72 -15.86 11.14
N LEU A 134 -8.70 -15.56 12.44
CA LEU A 134 -8.78 -14.21 12.92
C LEU A 134 -7.48 -13.89 13.67
N PHE A 135 -6.75 -12.91 13.18
CA PHE A 135 -5.58 -12.40 13.85
C PHE A 135 -6.07 -11.16 14.58
N THR A 136 -5.85 -11.07 15.89
CA THR A 136 -6.42 -9.96 16.67
C THR A 136 -5.55 -9.51 17.87
N ASP A 137 -5.75 -8.26 18.27
CA ASP A 137 -5.11 -7.68 19.44
C ASP A 137 -3.58 -7.47 19.34
N PHE A 138 -3.09 -7.42 18.10
CA PHE A 138 -1.70 -7.13 17.80
C PHE A 138 -1.45 -5.61 17.79
N ASP A 139 -0.20 -5.24 17.92
CA ASP A 139 0.20 -3.84 18.00
C ASP A 139 0.08 -3.14 16.62
N SER A 140 0.04 -1.81 16.63
CA SER A 140 -0.24 -1.03 15.42
C SER A 140 0.87 -0.97 14.37
N GLN A 141 2.09 -1.34 14.77
CA GLN A 141 3.24 -1.31 13.86
C GLN A 141 3.39 -2.66 13.15
N ILE A 142 2.69 -3.68 13.66
CA ILE A 142 2.79 -5.03 13.12
C ILE A 142 2.32 -5.14 11.68
N ASN A 143 3.13 -5.82 10.87
CA ASN A 143 2.78 -5.96 9.46
C ASN A 143 1.88 -7.17 9.24
N VAL A 144 0.71 -6.95 8.64
CA VAL A 144 -0.18 -8.07 8.32
C VAL A 144 0.26 -8.61 6.96
N PRO A 145 0.60 -9.92 6.88
CA PRO A 145 1.08 -10.51 5.64
C PRO A 145 0.04 -10.49 4.52
N LYS A 146 0.53 -10.34 3.29
CA LYS A 146 -0.27 -10.46 2.09
C LYS A 146 -0.22 -11.94 1.67
N THR A 147 -1.24 -12.40 0.95
CA THR A 147 -1.27 -13.77 0.48
C THR A 147 -0.15 -14.03 -0.52
N MET A 148 0.53 -15.17 -0.33
CA MET A 148 1.57 -15.64 -1.25
C MET A 148 1.09 -16.90 -1.97
N GLU A 149 -0.16 -17.26 -1.71
CA GLU A 149 -0.74 -18.50 -2.19
C GLU A 149 -2.06 -18.28 -2.91
N SER A 150 -2.32 -19.12 -3.91
CA SER A 150 -3.58 -19.08 -4.65
C SER A 150 -4.68 -19.74 -3.82
N GLY A 151 -5.88 -19.14 -3.85
CA GLY A 151 -7.03 -19.68 -3.13
C GLY A 151 -7.11 -19.26 -1.67
N THR A 152 -6.03 -18.64 -1.17
CA THR A 152 -5.93 -18.10 0.18
C THR A 152 -6.04 -16.58 0.08
N PHE A 153 -6.72 -15.97 1.05
CA PHE A 153 -6.91 -14.52 1.08
C PHE A 153 -6.74 -13.98 2.49
N ILE A 154 -6.12 -12.82 2.60
CA ILE A 154 -5.89 -12.18 3.90
C ILE A 154 -6.31 -10.73 3.75
N THR A 155 -7.10 -10.23 4.69
CA THR A 155 -7.59 -8.84 4.63
C THR A 155 -6.52 -7.87 5.14
N ASP A 156 -6.71 -6.58 4.90
CA ASP A 156 -5.88 -5.56 5.50
C ASP A 156 -6.32 -5.33 6.95
N LYS A 157 -5.39 -4.93 7.80
CA LYS A 157 -5.72 -4.57 9.18
C LYS A 157 -6.97 -3.68 9.21
N CYS A 158 -7.87 -3.98 10.15
CA CYS A 158 -9.06 -3.17 10.38
C CYS A 158 -9.05 -2.81 11.87
N VAL A 159 -9.15 -1.53 12.19
CA VAL A 159 -9.14 -1.08 13.59
C VAL A 159 -10.55 -1.03 14.18
N LEU A 160 -10.77 -1.80 15.24
CA LEU A 160 -12.06 -1.89 15.88
C LEU A 160 -12.06 -1.15 17.21
N ASP A 161 -13.15 -0.45 17.51
CA ASP A 161 -13.28 0.26 18.76
C ASP A 161 -14.59 -0.15 19.47
N MET A 162 -14.45 -0.75 20.66
CA MET A 162 -15.62 -1.21 21.43
C MET A 162 -16.42 -0.11 22.15
N LYS A 163 -15.80 1.04 22.42
CA LYS A 163 -16.45 2.23 23.05
C LYS A 163 -16.76 2.13 24.55
N SER A 167 -11.97 -1.07 24.57
CA SER A 167 -10.75 -0.54 23.98
C SER A 167 -10.62 -0.86 22.49
N LYS A 168 -9.51 -0.44 21.92
CA LYS A 168 -9.26 -0.58 20.48
C LYS A 168 -8.48 -1.83 20.16
N SER A 169 -8.86 -2.49 19.08
CA SER A 169 -8.13 -3.67 18.67
C SER A 169 -7.94 -3.74 17.17
N ASN A 170 -6.72 -4.08 16.81
CA ASN A 170 -6.36 -4.34 15.43
C ASN A 170 -6.74 -5.76 15.10
N GLY A 171 -7.22 -5.96 13.87
CA GLY A 171 -7.59 -7.28 13.43
C GLY A 171 -7.42 -7.50 11.95
N ALA A 172 -7.22 -8.75 11.58
CA ALA A 172 -7.20 -9.14 10.18
C ALA A 172 -7.78 -10.53 10.09
N ILE A 173 -8.27 -10.86 8.90
CA ILE A 173 -8.96 -12.11 8.67
C ILE A 173 -8.30 -12.80 7.49
N ALA A 174 -8.27 -14.13 7.53
CA ALA A 174 -7.76 -14.95 6.44
C ALA A 174 -8.64 -16.18 6.21
N TRP A 175 -8.76 -16.59 4.96
CA TRP A 175 -9.51 -17.80 4.61
C TRP A 175 -8.87 -18.44 3.39
N SER A 176 -9.03 -19.76 3.28
CA SER A 176 -8.42 -20.51 2.21
C SER A 176 -9.26 -21.71 1.80
N ASN A 177 -9.13 -22.13 0.55
CA ASN A 177 -9.81 -23.33 0.03
C ASN A 177 -8.80 -24.48 -0.10
N GLN A 178 -7.67 -24.36 0.58
CA GLN A 178 -6.60 -25.36 0.55
C GLN A 178 -6.73 -26.37 1.69
N THR A 179 -6.77 -27.66 1.34
CA THR A 179 -6.89 -28.76 2.31
C THR A 179 -5.79 -28.70 3.38
N SER A 180 -4.55 -28.53 2.93
CA SER A 180 -3.36 -28.57 3.80
C SER A 180 -3.26 -27.44 4.83
N PHE A 181 -2.98 -26.23 4.33
CA PHE A 181 -2.67 -25.05 5.14
C PHE A 181 -3.71 -24.61 6.18
N THR A 182 -3.21 -24.29 7.39
CA THR A 182 -4.01 -23.89 8.56
C THR A 182 -3.66 -22.47 8.99
N CYS A 183 -4.13 -22.06 10.18
CA CYS A 183 -3.93 -20.70 10.69
C CYS A 183 -2.49 -20.36 11.10
N GLN A 184 -1.73 -21.37 11.49
CA GLN A 184 -0.36 -21.19 11.98
C GLN A 184 0.60 -20.65 10.92
N ASP A 185 0.52 -21.17 9.70
CA ASP A 185 1.42 -20.74 8.62
C ASP A 185 1.01 -19.43 7.92
N ILE A 186 -0.24 -19.01 8.11
CA ILE A 186 -0.76 -17.78 7.49
C ILE A 186 -0.22 -16.54 8.20
N PHE A 187 -0.59 -16.38 9.48
CA PHE A 187 -0.13 -15.25 10.29
C PHE A 187 1.15 -15.63 11.03
N LYS A 188 2.27 -15.14 10.53
CA LYS A 188 3.58 -15.47 11.10
C LYS A 188 4.05 -14.52 12.19
N GLU A 189 3.22 -14.32 13.19
CA GLU A 189 3.58 -13.53 14.37
C GLU A 189 3.70 -14.50 15.55
N THR A 190 2.70 -14.55 16.42
CA THR A 190 2.69 -15.51 17.55
C THR A 190 1.26 -15.75 18.06
N ASN A 191 1.13 -16.85 18.82
CA ASN A 191 -0.07 -17.22 19.59
C ASN A 191 -1.19 -17.89 18.75
N ALA A 192 -0.79 -18.87 17.94
CA ALA A 192 -1.72 -19.60 17.07
C ALA A 192 -2.27 -20.86 17.74
N ALA B 3 -31.38 17.25 2.05
CA ALA B 3 -31.77 18.32 1.11
C ALA B 3 -31.16 18.28 -0.31
N VAL B 4 -30.18 17.38 -0.55
CA VAL B 4 -29.73 17.07 -1.93
C VAL B 4 -29.79 15.55 -2.04
N THR B 5 -30.70 15.06 -2.89
CA THR B 5 -30.98 13.63 -2.97
C THR B 5 -30.72 13.12 -4.38
N GLN B 6 -29.81 12.15 -4.51
CA GLN B 6 -29.50 11.51 -5.82
C GLN B 6 -30.22 10.20 -5.95
N SER B 7 -30.67 9.92 -7.16
CA SER B 7 -31.25 8.63 -7.47
C SER B 7 -30.95 8.24 -8.92
N PRO B 8 -30.67 6.95 -9.17
CA PRO B 8 -30.53 5.88 -8.17
C PRO B 8 -29.19 6.05 -7.43
N ARG B 9 -29.06 5.44 -6.25
CA ARG B 9 -27.81 5.45 -5.49
C ARG B 9 -26.80 4.42 -6.00
N ASN B 10 -27.30 3.43 -6.76
CA ASN B 10 -26.47 2.39 -7.36
C ASN B 10 -27.08 2.00 -8.67
N LYS B 11 -26.24 1.64 -9.63
CA LYS B 11 -26.76 1.30 -10.97
C LYS B 11 -25.79 0.42 -11.72
N VAL B 12 -26.32 -0.62 -12.36
CA VAL B 12 -25.56 -1.48 -13.24
C VAL B 12 -26.13 -1.29 -14.64
N ALA B 13 -25.25 -0.97 -15.58
CA ALA B 13 -25.65 -0.77 -16.97
C ALA B 13 -24.78 -1.62 -17.89
N VAL B 14 -25.28 -1.87 -19.10
CA VAL B 14 -24.52 -2.58 -20.11
C VAL B 14 -23.96 -1.54 -21.05
N THR B 15 -22.77 -1.79 -21.59
CA THR B 15 -22.18 -0.93 -22.61
C THR B 15 -23.21 -0.69 -23.72
N GLY B 16 -23.39 0.57 -24.11
CA GLY B 16 -24.33 0.93 -25.16
C GLY B 16 -25.72 1.25 -24.65
N GLY B 17 -25.96 1.02 -23.36
CA GLY B 17 -27.24 1.31 -22.76
C GLY B 17 -27.37 2.76 -22.31
N LYS B 18 -28.57 3.13 -21.89
CA LYS B 18 -28.84 4.50 -21.45
C LYS B 18 -28.98 4.55 -19.94
N VAL B 19 -28.33 5.54 -19.33
CA VAL B 19 -28.41 5.76 -17.88
C VAL B 19 -28.75 7.23 -17.60
N THR B 20 -29.70 7.45 -16.68
CA THR B 20 -30.02 8.81 -16.23
C THR B 20 -29.88 8.82 -14.71
N LEU B 21 -29.09 9.76 -14.20
CA LEU B 21 -28.95 9.99 -12.76
C LEU B 21 -29.66 11.31 -12.46
N SER B 22 -30.48 11.32 -11.42
CA SER B 22 -31.26 12.49 -11.05
C SER B 22 -30.79 13.06 -9.72
N CYS B 23 -30.83 14.37 -9.62
CA CYS B 23 -30.56 15.06 -8.38
C CYS B 23 -31.74 15.96 -8.10
N ASN B 24 -32.25 15.88 -6.88
CA ASN B 24 -33.39 16.68 -6.46
C ASN B 24 -32.91 17.42 -5.23
N GLN B 25 -33.01 18.74 -5.22
CA GLN B 25 -32.62 19.53 -4.04
C GLN B 25 -33.79 20.32 -3.46
N THR B 26 -33.76 20.53 -2.15
CA THR B 26 -34.81 21.27 -1.46
C THR B 26 -34.28 22.55 -0.85
N ASN B 27 -33.08 22.94 -1.28
CA ASN B 27 -32.39 24.11 -0.71
C ASN B 27 -32.77 25.41 -1.42
N ASN B 28 -33.49 25.30 -2.52
CA ASN B 28 -33.81 26.47 -3.38
C ASN B 28 -32.54 27.20 -3.83
N HIS B 29 -31.49 26.44 -4.07
CA HIS B 29 -30.22 26.98 -4.56
C HIS B 29 -30.29 27.13 -6.08
N ASN B 30 -29.74 28.23 -6.56
CA ASN B 30 -29.74 28.45 -8.01
C ASN B 30 -28.77 27.55 -8.75
N ASN B 31 -27.65 27.18 -8.10
CA ASN B 31 -26.61 26.43 -8.77
C ASN B 31 -26.61 24.95 -8.47
N MET B 32 -26.38 24.15 -9.49
CA MET B 32 -26.24 22.70 -9.31
C MET B 32 -25.13 22.15 -10.15
N TYR B 33 -24.63 20.99 -9.75
CA TYR B 33 -23.39 20.44 -10.30
C TYR B 33 -23.42 18.93 -10.31
N TRP B 34 -22.86 18.35 -11.37
CA TRP B 34 -22.60 16.92 -11.42
C TRP B 34 -21.10 16.69 -11.51
N TYR B 35 -20.58 15.92 -10.56
CA TYR B 35 -19.16 15.50 -10.53
C TYR B 35 -19.02 13.99 -10.61
N ARG B 36 -17.86 13.53 -11.05
CA ARG B 36 -17.48 12.11 -10.83
C ARG B 36 -16.18 12.06 -10.04
N GLN B 37 -16.03 11.01 -9.24
CA GLN B 37 -14.85 10.80 -8.43
C GLN B 37 -14.13 9.53 -8.88
N ASP B 38 -12.84 9.68 -9.13
CA ASP B 38 -11.99 8.61 -9.61
C ASP B 38 -10.64 8.71 -8.94
N THR B 39 -10.06 7.58 -8.57
CA THR B 39 -8.78 7.63 -7.85
C THR B 39 -7.71 8.29 -8.73
N GLY B 40 -6.97 9.25 -8.15
CA GLY B 40 -5.94 9.99 -8.86
C GLY B 40 -6.50 11.24 -9.54
N HIS B 41 -7.80 11.44 -9.45
CA HIS B 41 -8.43 12.63 -10.09
C HIS B 41 -9.29 13.46 -9.14
N GLY B 42 -9.46 13.02 -7.89
CA GLY B 42 -10.38 13.75 -6.99
C GLY B 42 -11.76 13.80 -7.61
N LEU B 43 -12.46 14.93 -7.52
CA LEU B 43 -13.76 15.07 -8.20
C LEU B 43 -13.54 15.97 -9.41
N ARG B 44 -14.17 15.61 -10.51
CA ARG B 44 -14.08 16.36 -11.75
C ARG B 44 -15.49 16.72 -12.17
N LEU B 45 -15.68 17.97 -12.53
CA LEU B 45 -16.97 18.52 -12.88
C LEU B 45 -17.36 18.12 -14.31
N ILE B 46 -18.53 17.48 -14.45
CA ILE B 46 -19.02 17.03 -15.75
C ILE B 46 -19.91 18.08 -16.43
N HIS B 47 -20.97 18.52 -15.73
CA HIS B 47 -21.86 19.59 -16.19
C HIS B 47 -22.34 20.34 -14.97
N TYR B 48 -22.78 21.58 -15.16
CA TYR B 48 -23.35 22.34 -14.07
C TYR B 48 -24.45 23.23 -14.60
N SER B 49 -25.07 24.00 -13.72
CA SER B 49 -26.19 24.85 -14.09
C SER B 49 -26.31 26.02 -13.12
N TYR B 50 -26.53 27.22 -13.66
CA TYR B 50 -26.68 28.41 -12.84
C TYR B 50 -28.14 28.80 -12.61
N GLY B 51 -29.06 27.97 -13.10
CA GLY B 51 -30.48 28.23 -12.90
C GLY B 51 -31.37 27.34 -13.71
N ALA B 52 -32.64 27.28 -13.31
CA ALA B 52 -33.63 26.49 -14.00
C ALA B 52 -33.64 26.87 -15.48
N GLY B 53 -33.68 25.88 -16.36
CA GLY B 53 -33.79 26.14 -17.79
C GLY B 53 -32.52 26.05 -18.59
N SER B 54 -31.36 25.98 -17.92
CA SER B 54 -30.09 25.98 -18.64
C SER B 54 -29.04 25.12 -17.96
N THR B 55 -28.02 24.74 -18.74
CA THR B 55 -26.90 23.96 -18.25
C THR B 55 -25.63 24.43 -18.95
N GLU B 56 -24.50 24.08 -18.36
CA GLU B 56 -23.18 24.47 -18.85
C GLU B 56 -22.31 23.24 -18.87
N LYS B 57 -21.42 23.14 -19.86
CA LYS B 57 -20.45 22.02 -19.87
C LYS B 57 -19.39 22.30 -18.79
N GLY B 58 -19.01 21.27 -18.06
CA GLY B 58 -17.94 21.39 -17.08
C GLY B 58 -16.61 21.06 -17.72
N ASP B 59 -15.71 20.46 -16.94
CA ASP B 59 -14.36 20.13 -17.41
C ASP B 59 -14.27 18.88 -18.28
N ILE B 60 -15.08 17.87 -17.96
CA ILE B 60 -15.08 16.60 -18.69
C ILE B 60 -16.49 16.21 -19.16
N PRO B 61 -17.10 17.04 -20.04
CA PRO B 61 -18.48 16.79 -20.42
C PRO B 61 -18.69 15.64 -21.42
N ASP B 62 -17.64 15.20 -22.10
CA ASP B 62 -17.79 14.24 -23.21
C ASP B 62 -18.41 12.94 -22.77
N GLY B 63 -19.45 12.55 -23.52
CA GLY B 63 -20.21 11.33 -23.26
C GLY B 63 -21.38 11.52 -22.31
N TYR B 64 -21.57 12.75 -21.84
CA TYR B 64 -22.68 13.07 -20.95
C TYR B 64 -23.47 14.26 -21.46
N LYS B 65 -24.77 14.25 -21.17
CA LYS B 65 -25.65 15.39 -21.35
C LYS B 65 -26.23 15.73 -19.98
N ALA B 66 -26.80 16.92 -19.88
CA ALA B 66 -27.42 17.34 -18.62
C ALA B 66 -28.72 18.08 -18.92
N SER B 67 -29.58 18.16 -17.92
CA SER B 67 -30.87 18.81 -18.02
C SER B 67 -31.29 19.45 -16.70
N ARG B 68 -31.69 20.72 -16.75
CA ARG B 68 -32.16 21.42 -15.54
C ARG B 68 -33.57 21.93 -15.79
N PRO B 69 -34.58 21.03 -15.73
CA PRO B 69 -35.95 21.44 -16.03
C PRO B 69 -36.62 22.30 -14.96
N SER B 70 -36.01 22.42 -13.78
CA SER B 70 -36.60 23.18 -12.71
C SER B 70 -35.51 23.60 -11.72
N GLN B 71 -35.86 24.47 -10.79
CA GLN B 71 -34.92 24.89 -9.77
C GLN B 71 -34.43 23.64 -9.01
N GLU B 72 -35.36 22.72 -8.73
CA GLU B 72 -35.06 21.56 -7.87
C GLU B 72 -34.29 20.40 -8.49
N ASN B 73 -34.44 20.20 -9.80
CA ASN B 73 -33.94 19.00 -10.45
C ASN B 73 -32.85 19.23 -11.46
N PHE B 74 -31.80 18.40 -11.37
CA PHE B 74 -30.64 18.42 -12.28
C PHE B 74 -30.29 16.99 -12.62
N SER B 75 -30.46 16.65 -13.89
CA SER B 75 -30.25 15.29 -14.38
C SER B 75 -29.00 15.16 -15.22
N LEU B 76 -28.34 14.02 -15.04
CA LEU B 76 -27.16 13.64 -15.84
C LEU B 76 -27.55 12.45 -16.72
N ILE B 77 -27.37 12.60 -18.03
CA ILE B 77 -27.79 11.59 -19.00
C ILE B 77 -26.60 10.99 -19.76
N LEU B 78 -26.54 9.66 -19.75
CA LEU B 78 -25.52 8.92 -20.49
C LEU B 78 -26.30 8.16 -21.54
N GLU B 79 -26.29 8.69 -22.77
CA GLU B 79 -27.06 8.14 -23.88
C GLU B 79 -26.54 6.79 -24.38
N LEU B 80 -25.23 6.61 -24.32
CA LEU B 80 -24.56 5.38 -24.77
C LEU B 80 -23.47 5.06 -23.78
N ALA B 81 -23.83 4.35 -22.72
CA ALA B 81 -22.89 4.02 -21.62
C ALA B 81 -21.62 3.31 -22.10
N THR B 82 -20.47 3.66 -21.51
CA THR B 82 -19.19 3.00 -21.80
C THR B 82 -18.56 2.56 -20.48
N PRO B 83 -17.73 1.49 -20.50
CA PRO B 83 -17.01 1.06 -19.29
C PRO B 83 -16.24 2.19 -18.62
N SER B 84 -15.75 3.15 -19.42
CA SER B 84 -15.03 4.32 -18.90
C SER B 84 -15.88 5.19 -17.96
N GLN B 85 -17.21 5.05 -18.04
CA GLN B 85 -18.12 5.81 -17.20
C GLN B 85 -18.41 5.13 -15.86
N THR B 86 -17.83 3.96 -15.63
CA THR B 86 -17.87 3.31 -14.31
C THR B 86 -17.20 4.27 -13.31
N SER B 87 -17.92 4.68 -12.28
CA SER B 87 -17.38 5.66 -11.35
C SER B 87 -18.35 5.89 -10.18
N VAL B 88 -17.98 6.81 -9.29
CA VAL B 88 -18.90 7.31 -8.28
C VAL B 88 -19.25 8.74 -8.64
N TYR B 89 -20.55 9.01 -8.75
CA TYR B 89 -21.05 10.32 -9.16
C TYR B 89 -21.63 11.06 -7.99
N PHE B 90 -21.31 12.36 -7.89
CA PHE B 90 -21.85 13.22 -6.84
C PHE B 90 -22.52 14.42 -7.46
N CYS B 91 -23.71 14.69 -7.01
CA CYS B 91 -24.31 15.92 -7.41
C CYS B 91 -24.22 16.86 -6.20
N ALA B 92 -24.35 18.16 -6.47
CA ALA B 92 -24.27 19.18 -5.44
C ALA B 92 -25.14 20.35 -5.83
N SER B 93 -25.60 21.09 -4.82
CA SER B 93 -26.28 22.37 -5.04
C SER B 93 -25.39 23.41 -4.38
N GLY B 94 -25.54 24.64 -4.80
CA GLY B 94 -24.73 25.69 -4.26
C GLY B 94 -25.47 27.01 -4.14
N GLY B 95 -25.31 27.62 -2.99
CA GLY B 95 -25.73 28.98 -2.76
C GLY B 95 -24.48 29.63 -2.18
N GLY B 96 -24.09 30.75 -2.77
CA GLY B 96 -23.02 31.60 -2.23
C GLY B 96 -21.62 31.02 -2.11
N GLY B 97 -21.33 29.99 -2.92
CA GLY B 97 -20.01 29.42 -2.98
C GLY B 97 -19.84 28.03 -2.39
N THR B 98 -20.45 27.78 -1.22
CA THR B 98 -20.40 26.47 -0.52
C THR B 98 -21.19 25.46 -1.36
N LEU B 99 -20.64 24.25 -1.47
CA LEU B 99 -21.28 23.14 -2.14
C LEU B 99 -21.92 22.24 -1.08
N TYR B 100 -23.14 21.80 -1.38
CA TYR B 100 -23.88 20.83 -0.57
C TYR B 100 -24.05 19.60 -1.42
N PHE B 101 -23.38 18.53 -1.01
CA PHE B 101 -23.31 17.30 -1.83
C PHE B 101 -24.37 16.28 -1.54
N GLY B 102 -24.75 15.53 -2.57
CA GLY B 102 -25.60 14.37 -2.41
C GLY B 102 -24.75 13.23 -1.86
N ALA B 103 -25.40 12.10 -1.60
CA ALA B 103 -24.74 10.94 -0.98
C ALA B 103 -23.83 10.12 -1.91
N GLY B 104 -23.93 10.33 -3.21
CA GLY B 104 -23.11 9.57 -4.18
C GLY B 104 -23.90 8.48 -4.87
N THR B 105 -23.49 8.16 -6.09
CA THR B 105 -24.11 7.12 -6.89
C THR B 105 -22.99 6.26 -7.45
N ARG B 106 -23.05 4.96 -7.18
CA ARG B 106 -22.11 4.02 -7.79
C ARG B 106 -22.69 3.51 -9.10
N LEU B 107 -21.94 3.71 -10.19
CA LEU B 107 -22.32 3.23 -11.48
C LEU B 107 -21.27 2.26 -12.01
N SER B 108 -21.70 1.06 -12.41
CA SER B 108 -20.85 0.10 -13.12
C SER B 108 -21.39 -0.14 -14.52
N VAL B 109 -20.57 0.11 -15.53
CA VAL B 109 -20.95 -0.16 -16.92
C VAL B 109 -20.16 -1.39 -17.34
N LEU B 110 -20.88 -2.46 -17.65
CA LEU B 110 -20.30 -3.76 -17.95
C LEU B 110 -20.51 -4.12 -19.41
N GLU B 111 -19.78 -5.10 -19.91
CA GLU B 111 -19.93 -5.49 -21.31
C GLU B 111 -21.21 -6.34 -21.49
N ASP B 112 -21.49 -7.19 -20.50
CA ASP B 112 -22.76 -7.95 -20.42
C ASP B 112 -23.15 -8.18 -18.95
N LEU B 113 -24.40 -8.50 -18.70
CA LEU B 113 -24.91 -8.65 -17.34
C LEU B 113 -24.77 -10.05 -16.74
N ARG B 114 -24.23 -10.97 -17.53
CA ARG B 114 -24.14 -12.38 -17.12
C ARG B 114 -23.25 -12.65 -15.90
N ASN B 115 -22.26 -11.80 -15.66
CA ASN B 115 -21.41 -11.97 -14.46
C ASN B 115 -21.99 -11.38 -13.17
N VAL B 116 -23.06 -10.58 -13.26
CA VAL B 116 -23.65 -9.99 -12.06
C VAL B 116 -24.17 -11.10 -11.16
N THR B 117 -23.77 -11.09 -9.90
CA THR B 117 -24.09 -12.18 -8.97
C THR B 117 -24.10 -11.67 -7.53
N PRO B 118 -25.10 -12.10 -6.73
CA PRO B 118 -25.21 -11.64 -5.34
C PRO B 118 -24.20 -12.35 -4.43
N PRO B 119 -23.94 -11.80 -3.23
CA PRO B 119 -22.99 -12.48 -2.34
C PRO B 119 -23.57 -13.71 -1.67
N LYS B 120 -22.67 -14.61 -1.26
CA LYS B 120 -22.99 -15.69 -0.36
C LYS B 120 -22.54 -15.11 0.97
N VAL B 121 -23.39 -15.11 2.00
CA VAL B 121 -23.01 -14.51 3.28
C VAL B 121 -22.88 -15.59 4.33
N SER B 122 -21.75 -15.58 5.04
CA SER B 122 -21.47 -16.55 6.11
C SER B 122 -21.11 -15.85 7.41
N LEU B 123 -21.65 -16.35 8.52
CA LEU B 123 -21.32 -15.79 9.82
C LEU B 123 -20.49 -16.81 10.56
N PHE B 124 -19.30 -16.41 10.97
CA PHE B 124 -18.40 -17.35 11.65
C PHE B 124 -18.49 -17.04 13.12
N GLU B 125 -18.69 -18.07 13.94
CA GLU B 125 -18.93 -17.87 15.36
C GLU B 125 -17.63 -17.69 16.16
N PRO B 126 -17.70 -16.98 17.31
CA PRO B 126 -16.52 -16.69 18.10
C PRO B 126 -15.76 -17.93 18.56
N SER B 127 -14.45 -17.79 18.66
CA SER B 127 -13.60 -18.85 19.17
C SER B 127 -13.77 -18.98 20.68
N LYS B 128 -13.86 -20.22 21.15
CA LYS B 128 -13.94 -20.48 22.58
C LYS B 128 -12.67 -20.03 23.32
N ALA B 129 -11.53 -20.09 22.63
CA ALA B 129 -10.25 -19.63 23.20
C ALA B 129 -10.24 -18.12 23.41
N GLU B 130 -10.76 -17.36 22.45
CA GLU B 130 -10.90 -15.94 22.64
C GLU B 130 -11.79 -15.64 23.86
N ILE B 131 -12.92 -16.33 23.94
CA ILE B 131 -13.85 -16.10 25.04
C ILE B 131 -13.20 -16.45 26.38
N ALA B 132 -12.50 -17.58 26.44
CA ALA B 132 -11.88 -18.02 27.69
C ALA B 132 -10.75 -17.09 28.14
N ASN B 133 -9.94 -16.66 27.18
CA ASN B 133 -8.73 -15.90 27.45
C ASN B 133 -8.89 -14.39 27.55
N LYS B 134 -9.83 -13.82 26.80
CA LYS B 134 -10.03 -12.37 26.75
C LYS B 134 -11.39 -11.86 27.25
N GLN B 135 -12.32 -12.79 27.47
CA GLN B 135 -13.69 -12.48 27.91
C GLN B 135 -14.37 -11.56 26.87
N LYS B 136 -14.03 -11.80 25.61
CA LYS B 136 -14.58 -11.08 24.46
C LYS B 136 -14.87 -12.11 23.37
N ALA B 137 -15.82 -11.79 22.49
CA ALA B 137 -16.26 -12.71 21.45
C ALA B 137 -16.33 -11.94 20.14
N THR B 138 -15.54 -12.36 19.16
CA THR B 138 -15.54 -11.69 17.87
C THR B 138 -16.28 -12.58 16.89
N LEU B 139 -17.33 -12.03 16.31
CA LEU B 139 -18.07 -12.71 15.24
C LEU B 139 -17.50 -12.13 13.96
N VAL B 140 -17.41 -12.94 12.92
CA VAL B 140 -16.89 -12.47 11.63
C VAL B 140 -17.90 -12.79 10.55
N CYS B 141 -18.23 -11.78 9.75
CA CYS B 141 -19.10 -11.98 8.62
C CYS B 141 -18.26 -11.90 7.34
N LEU B 142 -18.50 -12.85 6.45
CA LEU B 142 -17.80 -12.90 5.18
C LEU B 142 -18.83 -12.96 4.05
N ALA B 143 -18.75 -11.99 3.13
CA ALA B 143 -19.56 -11.95 1.91
C ALA B 143 -18.62 -12.30 0.77
N ARG B 144 -18.95 -13.36 0.02
CA ARG B 144 -18.10 -13.81 -1.09
C ARG B 144 -18.88 -14.01 -2.38
N GLY B 145 -18.17 -13.94 -3.49
CA GLY B 145 -18.72 -14.34 -4.76
C GLY B 145 -19.63 -13.35 -5.42
N PHE B 146 -19.52 -12.08 -5.02
CA PHE B 146 -20.38 -11.06 -5.65
C PHE B 146 -19.72 -10.19 -6.73
N PHE B 147 -20.56 -9.66 -7.60
CA PHE B 147 -20.11 -8.79 -8.68
C PHE B 147 -21.32 -8.00 -9.21
N PRO B 148 -21.18 -6.68 -9.46
CA PRO B 148 -20.03 -5.81 -9.18
C PRO B 148 -19.95 -5.51 -7.67
N ASP B 149 -19.14 -4.55 -7.24
CA ASP B 149 -19.02 -4.33 -5.79
C ASP B 149 -19.95 -3.29 -5.12
N HIS B 150 -21.21 -3.27 -5.53
CA HIS B 150 -22.16 -2.31 -4.96
C HIS B 150 -22.89 -2.95 -3.74
N VAL B 151 -22.20 -2.96 -2.60
CA VAL B 151 -22.73 -3.64 -1.38
C VAL B 151 -22.58 -2.77 -0.14
N GLU B 152 -23.41 -3.03 0.86
CA GLU B 152 -23.31 -2.38 2.15
C GLU B 152 -23.52 -3.46 3.17
N LEU B 153 -22.57 -3.62 4.08
CA LEU B 153 -22.66 -4.62 5.12
C LEU B 153 -23.03 -3.92 6.44
N SER B 154 -23.99 -4.48 7.16
CA SER B 154 -24.40 -3.92 8.45
C SER B 154 -24.65 -5.03 9.45
N TRP B 155 -24.56 -4.71 10.73
CA TRP B 155 -24.82 -5.70 11.78
C TRP B 155 -26.03 -5.28 12.57
N TRP B 156 -26.81 -6.27 12.97
CA TRP B 156 -28.08 -6.10 13.65
C TRP B 156 -28.03 -6.99 14.89
N VAL B 157 -28.18 -6.37 16.05
CA VAL B 157 -28.19 -7.11 17.30
C VAL B 157 -29.55 -6.87 17.91
N ASN B 158 -30.27 -7.94 18.17
CA ASN B 158 -31.61 -7.84 18.75
C ASN B 158 -32.52 -6.93 17.91
N GLY B 159 -32.35 -7.03 16.59
CA GLY B 159 -33.21 -6.27 15.63
C GLY B 159 -32.84 -4.81 15.39
N LYS B 160 -31.73 -4.36 15.97
CA LYS B 160 -31.30 -2.96 15.88
C LYS B 160 -29.91 -2.87 15.29
N GLU B 161 -29.69 -1.95 14.33
CA GLU B 161 -28.38 -1.84 13.70
C GLU B 161 -27.35 -1.35 14.71
N VAL B 162 -26.18 -2.00 14.74
CA VAL B 162 -25.11 -1.61 15.63
C VAL B 162 -23.88 -1.07 14.89
N HIS B 163 -23.17 -0.16 15.54
CA HIS B 163 -21.96 0.44 14.99
C HIS B 163 -20.76 0.31 15.93
N SER B 164 -20.97 0.37 17.24
CA SER B 164 -19.84 0.22 18.14
C SER B 164 -19.39 -1.24 18.12
N GLY B 165 -18.09 -1.46 18.22
CA GLY B 165 -17.53 -2.80 18.19
C GLY B 165 -17.51 -3.44 16.80
N VAL B 166 -17.78 -2.66 15.74
CA VAL B 166 -17.80 -3.18 14.37
C VAL B 166 -16.61 -2.64 13.58
N CYS B 167 -15.94 -3.51 12.82
CA CYS B 167 -14.95 -3.07 11.83
C CYS B 167 -15.21 -3.79 10.52
N THR B 168 -15.59 -3.03 9.50
CA THR B 168 -15.83 -3.57 8.15
C THR B 168 -14.74 -3.12 7.14
N ASP B 169 -14.33 -4.00 6.24
CA ASP B 169 -13.38 -3.62 5.20
C ASP B 169 -13.93 -2.37 4.51
N PRO B 170 -13.11 -1.33 4.34
CA PRO B 170 -13.68 -0.15 3.65
C PRO B 170 -13.90 -0.33 2.14
N GLN B 171 -13.25 -1.33 1.54
CA GLN B 171 -13.36 -1.64 0.10
C GLN B 171 -13.47 -3.16 -0.07
N ALA B 172 -14.33 -3.61 -0.98
CA ALA B 172 -14.42 -5.05 -1.29
C ALA B 172 -13.13 -5.54 -2.01
N TYR B 173 -12.69 -6.76 -1.69
CA TYR B 173 -11.48 -7.31 -2.29
C TYR B 173 -11.83 -8.09 -3.54
N LYS B 174 -11.13 -7.82 -4.64
CA LYS B 174 -11.35 -8.58 -5.86
C LYS B 174 -10.63 -9.94 -5.71
N GLU B 175 -11.44 -10.99 -5.65
CA GLU B 175 -10.99 -12.37 -5.42
C GLU B 175 -10.52 -13.01 -6.72
N SER B 176 -11.28 -12.74 -7.78
CA SER B 176 -10.92 -13.12 -9.13
C SER B 176 -11.43 -12.01 -10.04
N ASN B 177 -11.26 -12.16 -11.34
CA ASN B 177 -11.67 -11.14 -12.28
C ASN B 177 -13.11 -10.66 -12.10
N TYR B 178 -14.04 -11.59 -11.90
CA TYR B 178 -15.46 -11.24 -11.77
C TYR B 178 -16.06 -11.60 -10.41
N SER B 179 -15.25 -11.51 -9.35
CA SER B 179 -15.72 -11.91 -8.03
C SER B 179 -15.08 -11.09 -6.92
N TYR B 180 -15.91 -10.47 -6.10
CA TYR B 180 -15.46 -9.69 -4.95
C TYR B 180 -15.79 -10.35 -3.63
N CYS B 181 -15.03 -9.97 -2.61
CA CYS B 181 -15.29 -10.37 -1.23
C CYS B 181 -15.22 -9.20 -0.28
N LEU B 182 -15.88 -9.34 0.86
CA LEU B 182 -15.86 -8.28 1.84
C LEU B 182 -16.00 -8.97 3.20
N SER B 183 -15.28 -8.47 4.21
CA SER B 183 -15.39 -9.04 5.55
C SER B 183 -15.67 -7.97 6.58
N SER B 184 -16.15 -8.41 7.74
CA SER B 184 -16.46 -7.50 8.83
C SER B 184 -16.40 -8.29 10.13
N ARG B 185 -16.10 -7.60 11.23
CA ARG B 185 -16.06 -8.25 12.56
C ARG B 185 -16.93 -7.42 13.47
N LEU B 186 -17.63 -8.10 14.37
CA LEU B 186 -18.37 -7.50 15.47
C LEU B 186 -17.83 -8.13 16.74
N ARG B 187 -17.38 -7.29 17.67
CA ARG B 187 -16.86 -7.81 18.94
C ARG B 187 -17.75 -7.39 20.10
N VAL B 188 -18.13 -8.37 20.92
CA VAL B 188 -19.01 -8.15 22.09
C VAL B 188 -18.36 -8.80 23.31
N SER B 189 -18.85 -8.47 24.49
CA SER B 189 -18.32 -9.14 25.67
C SER B 189 -18.74 -10.63 25.67
N ALA B 190 -17.94 -11.47 26.34
CA ALA B 190 -18.32 -12.87 26.52
C ALA B 190 -19.69 -12.98 27.17
N THR B 191 -19.96 -12.18 28.19
CA THR B 191 -21.29 -12.20 28.84
C THR B 191 -22.47 -11.97 27.87
N PHE B 192 -22.28 -11.06 26.92
CA PHE B 192 -23.31 -10.74 25.93
C PHE B 192 -23.50 -11.89 24.94
N TRP B 193 -22.41 -12.47 24.48
CA TRP B 193 -22.46 -13.63 23.60
C TRP B 193 -23.09 -14.82 24.32
N HIS B 194 -22.77 -14.98 25.60
CA HIS B 194 -23.24 -16.11 26.38
C HIS B 194 -24.71 -16.10 26.74
N ASN B 195 -25.43 -15.03 26.37
CA ASN B 195 -26.85 -14.91 26.71
C ASN B 195 -27.74 -15.35 25.54
N PRO B 196 -28.55 -16.41 25.77
CA PRO B 196 -29.45 -17.04 24.79
C PRO B 196 -30.48 -16.10 24.18
N ARG B 197 -30.82 -15.03 24.90
CA ARG B 197 -31.76 -14.03 24.38
C ARG B 197 -31.19 -13.26 23.17
N ASN B 198 -29.87 -13.16 23.10
CA ASN B 198 -29.22 -12.29 22.10
C ASN B 198 -29.16 -12.88 20.69
N HIS B 199 -29.60 -12.06 19.73
CA HIS B 199 -29.64 -12.45 18.33
C HIS B 199 -28.67 -11.55 17.55
N PHE B 200 -27.83 -12.18 16.72
CA PHE B 200 -26.80 -11.50 15.96
C PHE B 200 -27.00 -11.78 14.51
N ARG B 201 -27.05 -10.74 13.69
CA ARG B 201 -27.26 -10.93 12.25
C ARG B 201 -26.34 -10.02 11.45
N CYS B 202 -25.63 -10.59 10.47
CA CYS B 202 -24.82 -9.85 9.52
C CYS B 202 -25.67 -9.73 8.24
N GLN B 203 -25.83 -8.52 7.72
CA GLN B 203 -26.65 -8.29 6.55
C GLN B 203 -25.84 -7.61 5.47
N VAL B 204 -25.97 -8.09 4.25
CA VAL B 204 -25.32 -7.44 3.13
C VAL B 204 -26.40 -6.97 2.16
N GLN B 205 -26.46 -5.66 1.90
CA GLN B 205 -27.36 -5.17 0.89
C GLN B 205 -26.57 -5.20 -0.41
N PHE B 206 -27.00 -6.02 -1.35
CA PHE B 206 -26.38 -6.13 -2.66
C PHE B 206 -27.23 -5.34 -3.63
N HIS B 207 -26.62 -4.38 -4.32
CA HIS B 207 -27.35 -3.61 -5.33
C HIS B 207 -27.03 -4.18 -6.71
N GLY B 208 -28.06 -4.69 -7.38
CA GLY B 208 -27.88 -5.30 -8.68
C GLY B 208 -28.80 -4.80 -9.79
N LEU B 209 -29.30 -5.74 -10.56
CA LEU B 209 -30.16 -5.40 -11.67
C LEU B 209 -31.51 -4.90 -11.18
N SER B 210 -32.13 -4.05 -11.99
CA SER B 210 -33.46 -3.56 -11.69
C SER B 210 -34.49 -4.33 -12.51
N GLU B 211 -35.75 -3.95 -12.36
CA GLU B 211 -36.88 -4.61 -13.01
C GLU B 211 -36.77 -4.67 -14.54
N GLU B 212 -36.43 -3.56 -15.19
CA GLU B 212 -36.37 -3.51 -16.66
C GLU B 212 -35.26 -4.36 -17.30
N ASP B 213 -34.29 -4.81 -16.50
CA ASP B 213 -33.15 -5.57 -17.01
C ASP B 213 -33.49 -6.96 -17.52
N LYS B 214 -32.91 -7.31 -18.66
CA LYS B 214 -33.12 -8.62 -19.30
C LYS B 214 -32.31 -9.68 -18.59
N TRP B 215 -32.95 -10.78 -18.20
CA TRP B 215 -32.23 -11.89 -17.58
C TRP B 215 -32.56 -13.22 -18.25
N PRO B 216 -31.65 -13.67 -19.16
CA PRO B 216 -31.87 -14.82 -20.04
C PRO B 216 -31.37 -16.15 -19.45
N GLU B 217 -31.63 -16.38 -18.17
CA GLU B 217 -31.16 -17.62 -17.57
C GLU B 217 -32.20 -18.47 -16.83
N GLY B 218 -31.74 -19.64 -16.39
CA GLY B 218 -32.54 -20.55 -15.58
C GLY B 218 -32.32 -20.20 -14.12
N SER B 219 -31.17 -19.56 -13.84
CA SER B 219 -30.79 -19.13 -12.50
C SER B 219 -31.49 -17.81 -12.12
N PRO B 220 -31.61 -17.53 -10.80
CA PRO B 220 -32.34 -16.35 -10.32
C PRO B 220 -31.73 -15.03 -10.80
N LYS B 221 -32.59 -14.09 -11.21
CA LYS B 221 -32.15 -12.74 -11.59
C LYS B 221 -31.48 -12.06 -10.38
N PRO B 222 -30.24 -11.53 -10.55
CA PRO B 222 -29.50 -10.90 -9.43
C PRO B 222 -29.92 -9.46 -9.17
N VAL B 223 -31.15 -9.31 -8.68
CA VAL B 223 -31.73 -8.02 -8.34
C VAL B 223 -31.17 -7.50 -7.02
N THR B 224 -31.42 -6.24 -6.72
CA THR B 224 -31.10 -5.68 -5.40
C THR B 224 -31.81 -6.52 -4.34
N GLN B 225 -31.09 -6.87 -3.28
CA GLN B 225 -31.61 -7.77 -2.26
C GLN B 225 -30.74 -7.71 -1.00
N ASN B 226 -31.33 -8.07 0.15
CA ASN B 226 -30.57 -8.23 1.38
C ASN B 226 -30.34 -9.71 1.58
N ILE B 227 -29.12 -10.08 1.93
CA ILE B 227 -28.72 -11.47 2.18
C ILE B 227 -28.05 -11.40 3.53
N SER B 228 -28.44 -12.29 4.44
CA SER B 228 -27.94 -12.23 5.82
C SER B 228 -27.55 -13.59 6.31
N ALA B 229 -26.79 -13.62 7.42
CA ALA B 229 -26.56 -14.86 8.19
C ALA B 229 -26.73 -14.47 9.64
N GLU B 230 -27.15 -15.40 10.48
CA GLU B 230 -27.48 -15.05 11.86
C GLU B 230 -26.97 -16.12 12.82
N ALA B 231 -26.86 -15.74 14.09
CA ALA B 231 -26.50 -16.68 15.14
C ALA B 231 -27.19 -16.18 16.40
N TRP B 232 -27.44 -17.10 17.33
CA TRP B 232 -28.01 -16.78 18.63
C TRP B 232 -26.96 -16.98 19.72
N GLY B 233 -27.00 -16.16 20.76
CA GLY B 233 -26.09 -16.33 21.88
C GLY B 233 -26.30 -17.70 22.52
N ARG B 234 -25.28 -18.18 23.23
CA ARG B 234 -25.35 -19.50 23.90
C ARG B 234 -24.41 -19.51 25.11
N ALA B 235 -24.85 -20.15 26.20
CA ALA B 235 -24.04 -20.25 27.42
C ALA B 235 -23.17 -21.52 27.37
N LYS C 1 5.77 -6.14 24.19
CA LYS C 1 5.41 -4.76 23.80
C LYS C 1 6.67 -3.98 23.44
N THR C 2 6.72 -3.47 22.21
CA THR C 2 7.85 -2.67 21.76
C THR C 2 8.08 -1.47 22.67
N GLN C 3 9.35 -1.13 22.87
CA GLN C 3 9.67 0.02 23.70
C GLN C 3 10.04 1.27 22.92
N VAL C 4 9.91 1.23 21.60
CA VAL C 4 10.23 2.38 20.73
C VAL C 4 9.14 2.45 19.67
N GLU C 5 8.48 3.59 19.58
CA GLU C 5 7.43 3.76 18.57
C GLU C 5 7.67 5.00 17.71
N GLN C 6 7.38 4.87 16.43
CA GLN C 6 7.64 5.93 15.48
C GLN C 6 6.38 6.37 14.72
N SER C 7 6.36 7.64 14.32
CA SER C 7 5.29 8.20 13.51
C SER C 7 5.94 9.24 12.58
N PRO C 8 5.45 9.39 11.33
CA PRO C 8 4.40 8.57 10.71
C PRO C 8 4.90 7.13 10.50
N GLN C 9 3.99 6.17 10.36
CA GLN C 9 4.39 4.83 9.95
C GLN C 9 4.87 4.86 8.48
N SER C 10 4.19 5.61 7.64
CA SER C 10 4.62 5.74 6.25
C SER C 10 4.12 7.07 5.76
N LEU C 11 4.80 7.61 4.76
CA LEU C 11 4.50 8.94 4.24
C LEU C 11 4.96 8.96 2.80
N VAL C 12 4.13 9.50 1.90
CA VAL C 12 4.51 9.66 0.49
C VAL C 12 4.39 11.15 0.26
N VAL C 13 5.53 11.80 0.03
CA VAL C 13 5.57 13.27 -0.08
C VAL C 13 6.11 13.72 -1.43
N ARG C 14 5.72 14.91 -1.83
CA ARG C 14 6.22 15.45 -3.08
C ARG C 14 7.63 16.02 -2.87
N GLN C 15 8.51 15.79 -3.84
CA GLN C 15 9.87 16.28 -3.82
C GLN C 15 9.92 17.76 -3.48
N GLY C 16 10.79 18.10 -2.55
CA GLY C 16 11.00 19.49 -2.15
C GLY C 16 10.24 19.85 -0.89
N GLU C 17 9.29 19.02 -0.47
CA GLU C 17 8.57 19.28 0.79
C GLU C 17 9.47 18.94 1.98
N ASN C 18 9.20 19.53 3.13
CA ASN C 18 9.87 19.16 4.38
C ASN C 18 9.07 18.04 5.05
N CYS C 19 9.74 17.21 5.84
CA CYS C 19 9.13 16.10 6.59
C CYS C 19 9.56 16.21 8.02
N VAL C 20 8.68 15.87 8.94
CA VAL C 20 9.05 15.71 10.35
C VAL C 20 8.73 14.27 10.72
N LEU C 21 9.75 13.57 11.23
CA LEU C 21 9.55 12.21 11.74
C LEU C 21 9.67 12.25 13.24
N GLN C 22 8.92 11.39 13.91
CA GLN C 22 8.78 11.44 15.35
C GLN C 22 9.10 10.06 15.92
N CYS C 23 9.62 10.07 17.15
CA CYS C 23 9.90 8.83 17.84
C CYS C 23 9.67 9.11 19.31
N ASN C 24 9.15 8.10 20.01
CA ASN C 24 9.08 8.15 21.47
C ASN C 24 9.25 6.75 22.03
N TYR C 25 9.69 6.67 23.27
CA TYR C 25 10.11 5.38 23.80
C TYR C 25 9.90 5.25 25.28
N SER C 26 10.06 4.03 25.78
CA SER C 26 9.87 3.74 27.21
C SER C 26 11.14 3.12 27.79
N VAL C 27 12.17 3.03 26.95
CA VAL C 27 13.49 2.46 27.27
C VAL C 27 14.21 3.22 28.38
N THR C 28 14.78 2.47 29.33
CA THR C 28 15.71 2.99 30.34
C THR C 28 16.75 1.88 30.56
N PRO C 29 18.06 2.24 30.60
CA PRO C 29 18.63 3.58 30.39
C PRO C 29 18.63 3.99 28.92
N ASP C 30 18.62 5.29 28.71
CA ASP C 30 18.55 5.89 27.39
C ASP C 30 19.68 6.89 27.24
N ASN C 31 20.91 6.40 27.29
CA ASN C 31 22.07 7.28 27.24
C ASN C 31 22.16 8.05 25.93
N HIS C 32 21.82 7.37 24.83
CA HIS C 32 21.98 7.88 23.47
C HIS C 32 20.71 7.59 22.66
N LEU C 33 20.41 8.47 21.70
CA LEU C 33 19.37 8.17 20.75
C LEU C 33 19.96 8.46 19.39
N ARG C 34 19.77 7.52 18.46
CA ARG C 34 20.36 7.64 17.13
C ARG C 34 19.28 7.50 16.08
N TRP C 35 19.49 8.18 14.95
CA TRP C 35 18.62 8.02 13.79
C TRP C 35 19.42 7.40 12.64
N TYR C 36 18.82 6.42 12.00
CA TYR C 36 19.44 5.76 10.84
C TYR C 36 18.53 5.80 9.62
N LYS C 37 19.16 5.82 8.44
CA LYS C 37 18.46 5.70 7.18
C LYS C 37 18.83 4.35 6.58
N GLN C 38 17.87 3.67 5.96
CA GLN C 38 18.18 2.44 5.26
C GLN C 38 17.44 2.41 3.91
N ASP C 39 18.19 2.41 2.81
CA ASP C 39 17.64 2.22 1.45
C ASP C 39 17.28 0.77 1.26
N THR C 40 16.36 0.50 0.33
CA THR C 40 15.89 -0.87 0.13
C THR C 40 17.03 -1.83 -0.14
N GLY C 41 16.97 -2.98 0.53
CA GLY C 41 18.00 -4.01 0.44
C GLY C 41 19.42 -3.56 0.74
N LYS C 42 19.57 -2.44 1.45
CA LYS C 42 20.90 -1.89 1.71
C LYS C 42 21.17 -1.85 3.24
N GLY C 43 22.25 -1.19 3.65
CA GLY C 43 22.66 -1.13 5.04
C GLY C 43 22.18 0.09 5.80
N LEU C 44 22.59 0.17 7.06
CA LEU C 44 22.13 1.21 7.93
C LEU C 44 23.11 2.37 7.92
N VAL C 45 22.60 3.57 7.65
CA VAL C 45 23.44 4.76 7.60
C VAL C 45 23.08 5.68 8.77
N LEU C 46 24.05 5.93 9.64
CA LEU C 46 23.85 6.78 10.80
C LEU C 46 23.69 8.23 10.35
N LEU C 47 22.64 8.88 10.84
CA LEU C 47 22.35 10.26 10.52
C LEU C 47 22.68 11.24 11.63
N THR C 48 22.41 10.87 12.88
CA THR C 48 22.69 11.75 14.00
C THR C 48 22.74 10.96 15.29
N VAL C 49 23.44 11.52 16.28
CA VAL C 49 23.54 10.96 17.61
C VAL C 49 23.13 12.05 18.60
N LEU C 50 22.11 11.78 19.39
CA LEU C 50 21.62 12.70 20.41
C LEU C 50 21.96 12.13 21.80
N VAL C 51 22.49 12.98 22.68
CA VAL C 51 23.00 12.54 23.98
C VAL C 51 22.51 13.31 25.21
N ASP C 52 22.26 14.60 25.08
CA ASP C 52 21.91 15.39 26.26
C ASP C 52 20.43 15.32 26.61
N GLN C 53 20.10 15.68 27.86
CA GLN C 53 18.72 15.67 28.36
C GLN C 53 17.78 16.41 27.40
N LYS C 54 18.26 17.55 26.91
CA LYS C 54 17.62 18.29 25.85
C LYS C 54 18.78 18.42 24.89
N ASP C 55 18.61 17.91 23.68
CA ASP C 55 19.68 17.95 22.72
C ASP C 55 19.08 18.34 21.37
N LYS C 56 19.89 18.99 20.54
CA LYS C 56 19.49 19.36 19.19
C LYS C 56 20.74 19.14 18.34
N THR C 57 20.56 18.57 17.16
CA THR C 57 21.67 18.39 16.23
C THR C 57 21.26 18.84 14.81
N SER C 58 22.25 19.10 13.98
CA SER C 58 22.07 19.48 12.58
C SER C 58 23.14 18.77 11.74
N ASN C 59 22.75 18.26 10.58
CA ASN C 59 23.64 17.53 9.68
C ASN C 59 23.07 17.76 8.26
N GLY C 60 23.48 18.86 7.64
CA GLY C 60 22.98 19.21 6.30
C GLY C 60 21.47 19.43 6.31
N ARG C 61 20.75 18.64 5.52
CA ARG C 61 19.28 18.74 5.43
C ARG C 61 18.58 18.05 6.60
N TYR C 62 19.34 17.39 7.46
CA TYR C 62 18.76 16.76 8.62
C TYR C 62 18.90 17.65 9.85
N SER C 63 17.88 17.69 10.67
CA SER C 63 18.03 18.28 12.00
C SER C 63 17.24 17.42 12.97
N ALA C 64 17.68 17.33 14.22
CA ALA C 64 16.98 16.45 15.15
C ALA C 64 16.92 17.05 16.55
N THR C 65 15.99 16.54 17.35
CA THR C 65 15.87 17.03 18.72
C THR C 65 15.64 15.82 19.59
N LEU C 66 16.05 15.94 20.85
CA LEU C 66 15.81 14.91 21.85
C LEU C 66 15.36 15.59 23.13
N ASP C 67 14.32 15.04 23.74
CA ASP C 67 13.81 15.48 25.04
C ASP C 67 13.73 14.21 25.90
N LYS C 68 14.73 14.02 26.77
CA LYS C 68 14.76 12.82 27.59
C LYS C 68 13.71 12.82 28.70
N ASP C 69 13.15 13.98 29.02
CA ASP C 69 12.10 14.07 30.03
C ASP C 69 10.86 13.42 29.47
N ALA C 70 10.51 13.79 28.24
CA ALA C 70 9.36 13.23 27.57
C ALA C 70 9.67 11.89 26.88
N LYS C 71 10.96 11.54 26.79
CA LYS C 71 11.42 10.34 26.05
C LYS C 71 10.91 10.43 24.61
N HIS C 72 11.32 11.52 23.96
CA HIS C 72 10.74 11.91 22.68
C HIS C 72 11.82 12.50 21.78
N SER C 73 11.75 12.21 20.49
CA SER C 73 12.71 12.75 19.54
C SER C 73 12.03 13.02 18.20
N THR C 74 12.56 13.99 17.46
CA THR C 74 12.10 14.29 16.10
C THR C 74 13.31 14.41 15.17
N LEU C 75 13.12 14.00 13.93
CA LEU C 75 14.10 14.16 12.88
C LEU C 75 13.35 14.92 11.80
N HIS C 76 13.92 16.04 11.40
CA HIS C 76 13.34 16.88 10.34
C HIS C 76 14.18 16.71 9.09
N ILE C 77 13.54 16.46 7.96
CA ILE C 77 14.27 16.45 6.70
C ILE C 77 13.77 17.66 5.90
N THR C 78 14.67 18.60 5.61
CA THR C 78 14.31 19.79 4.85
C THR C 78 14.51 19.55 3.37
N ALA C 79 13.56 20.01 2.55
CA ALA C 79 13.72 20.03 1.10
C ALA C 79 14.05 18.63 0.52
N THR C 80 13.10 17.71 0.68
CA THR C 80 13.32 16.32 0.28
C THR C 80 13.73 16.13 -1.16
N LEU C 81 14.56 15.12 -1.39
CA LEU C 81 14.99 14.70 -2.73
C LEU C 81 14.47 13.30 -2.97
N LEU C 82 14.44 12.87 -4.22
CA LEU C 82 14.01 11.49 -4.55
C LEU C 82 14.87 10.47 -3.80
N ASP C 83 16.17 10.76 -3.64
CA ASP C 83 17.06 9.83 -2.94
C ASP C 83 16.82 9.77 -1.42
N ASP C 84 15.86 10.55 -0.91
CA ASP C 84 15.51 10.42 0.51
C ASP C 84 14.57 9.25 0.75
N THR C 85 14.11 8.64 -0.34
CA THR C 85 13.21 7.50 -0.26
C THR C 85 13.97 6.34 0.43
N ALA C 86 13.47 5.94 1.59
CA ALA C 86 14.13 4.95 2.46
C ALA C 86 13.30 4.74 3.72
N THR C 87 13.78 3.88 4.61
CA THR C 87 13.16 3.71 5.90
C THR C 87 14.06 4.37 6.91
N TYR C 88 13.46 5.09 7.86
CA TYR C 88 14.20 5.86 8.87
C TYR C 88 13.90 5.25 10.24
N PHE C 89 14.95 4.81 10.94
CA PHE C 89 14.78 4.15 12.26
C PHE C 89 15.31 5.01 13.38
N CYS C 90 14.57 5.00 14.48
CA CYS C 90 14.96 5.61 15.73
C CYS C 90 15.51 4.45 16.55
N VAL C 91 16.68 4.63 17.17
CA VAL C 91 17.37 3.56 17.93
C VAL C 91 17.82 4.13 19.29
N VAL C 92 17.33 3.54 20.37
CA VAL C 92 17.60 4.04 21.73
C VAL C 92 18.53 3.01 22.41
N GLY C 93 19.66 3.46 22.96
CA GLY C 93 20.63 2.54 23.54
C GLY C 93 21.47 3.08 24.69
N ASP C 94 22.18 2.17 25.35
CA ASP C 94 22.93 2.52 26.57
C ASP C 94 24.26 1.78 26.81
N ARG C 95 25.10 1.70 25.76
CA ARG C 95 26.44 1.08 25.85
C ARG C 95 26.47 -0.46 25.85
N GLY C 96 25.37 -1.09 26.25
CA GLY C 96 25.25 -2.54 26.22
C GLY C 96 24.15 -3.03 25.29
N SER C 97 23.50 -2.10 24.58
CA SER C 97 22.39 -2.45 23.68
C SER C 97 21.87 -1.27 22.83
N ALA C 98 20.98 -1.60 21.89
CA ALA C 98 20.37 -0.65 20.97
C ALA C 98 19.01 -1.22 20.55
N LEU C 99 17.93 -0.53 20.95
CA LEU C 99 16.58 -0.98 20.65
C LEU C 99 16.01 -0.15 19.50
N PHE C 100 15.53 -0.84 18.47
CA PHE C 100 15.00 -0.18 17.24
C PHE C 100 13.49 0.03 17.29
N GLY C 101 13.06 1.16 16.75
CA GLY C 101 11.66 1.33 16.39
C GLY C 101 11.46 0.61 15.06
N SER C 102 10.22 0.50 14.64
CA SER C 102 9.89 -0.23 13.42
C SER C 102 10.11 0.58 12.15
N GLY C 103 10.44 1.86 12.32
CA GLY C 103 10.80 2.73 11.21
C GLY C 103 9.65 3.51 10.59
N THR C 104 10.02 4.58 9.91
CA THR C 104 9.07 5.32 9.08
C THR C 104 9.47 5.08 7.63
N GLN C 105 8.54 4.60 6.83
CA GLN C 105 8.82 4.41 5.42
C GLN C 105 8.50 5.72 4.70
N LEU C 106 9.53 6.33 4.10
CA LEU C 106 9.34 7.56 3.38
C LEU C 106 9.52 7.33 1.88
N ILE C 107 8.57 7.81 1.08
CA ILE C 107 8.68 7.77 -0.39
C ILE C 107 8.54 9.20 -0.88
N VAL C 108 9.46 9.63 -1.73
CA VAL C 108 9.45 11.00 -2.25
C VAL C 108 9.16 10.88 -3.74
N ILE C 109 8.15 11.60 -4.20
CA ILE C 109 7.73 11.51 -5.60
C ILE C 109 7.91 12.86 -6.34
N PRO C 110 8.29 12.81 -7.62
CA PRO C 110 8.61 14.06 -8.34
C PRO C 110 7.38 14.85 -8.85
N TYR C 111 7.53 16.17 -9.05
CA TYR C 111 6.54 16.96 -9.81
C TYR C 111 6.92 16.77 -11.26
N ILE C 112 5.93 16.45 -12.10
CA ILE C 112 6.16 16.25 -13.53
C ILE C 112 5.53 17.49 -14.21
N GLN C 113 6.38 18.36 -14.77
CA GLN C 113 5.90 19.62 -15.34
C GLN C 113 5.00 19.41 -16.55
N ASN C 114 5.38 18.50 -17.44
CA ASN C 114 4.64 18.28 -18.68
C ASN C 114 4.45 16.81 -18.97
N PRO C 115 3.47 16.17 -18.28
CA PRO C 115 3.26 14.74 -18.47
C PRO C 115 2.87 14.49 -19.92
N GLU C 116 3.37 13.39 -20.48
CA GLU C 116 3.04 12.97 -21.84
C GLU C 116 2.82 11.45 -21.80
N PRO C 117 1.75 10.99 -21.10
CA PRO C 117 1.54 9.56 -20.88
C PRO C 117 1.44 8.79 -22.20
N ALA C 118 2.19 7.70 -22.29
CA ALA C 118 2.22 6.88 -23.49
C ALA C 118 2.46 5.44 -23.10
N VAL C 119 1.85 4.54 -23.86
CA VAL C 119 2.07 3.10 -23.71
C VAL C 119 2.76 2.60 -24.98
N TYR C 120 3.90 1.94 -24.79
CA TYR C 120 4.70 1.41 -25.89
C TYR C 120 4.85 -0.09 -25.76
N GLN C 121 4.77 -0.76 -26.89
CA GLN C 121 5.02 -2.20 -26.94
C GLN C 121 6.48 -2.40 -27.30
N LEU C 122 7.15 -3.25 -26.52
CA LEU C 122 8.54 -3.60 -26.75
C LEU C 122 8.63 -5.09 -27.07
N LYS C 123 9.63 -5.45 -27.87
CA LYS C 123 9.78 -6.85 -28.26
C LYS C 123 11.11 -7.46 -27.86
N ASP C 124 11.06 -8.77 -27.58
CA ASP C 124 12.20 -9.59 -27.20
C ASP C 124 12.60 -10.38 -28.45
N PRO C 125 13.70 -10.00 -29.12
CA PRO C 125 14.14 -10.61 -30.38
C PRO C 125 14.53 -12.08 -30.25
N ARG C 126 14.33 -12.66 -29.05
CA ARG C 126 14.62 -14.07 -28.82
C ARG C 126 13.39 -14.99 -28.89
N SER C 127 12.20 -14.42 -28.84
CA SER C 127 10.99 -15.22 -29.03
C SER C 127 10.27 -14.81 -30.31
N GLN C 128 9.46 -15.73 -30.85
CA GLN C 128 8.63 -15.45 -32.02
C GLN C 128 7.58 -14.36 -31.75
N ASP C 129 6.99 -14.36 -30.54
CA ASP C 129 6.02 -13.31 -30.20
C ASP C 129 5.79 -13.04 -28.70
N SER C 130 6.87 -12.84 -27.95
CA SER C 130 6.76 -12.37 -26.57
C SER C 130 6.90 -10.87 -26.58
N THR C 131 5.96 -10.20 -25.93
CA THR C 131 5.95 -8.75 -25.89
C THR C 131 5.58 -8.25 -24.49
N LEU C 132 5.95 -7.00 -24.23
CA LEU C 132 5.56 -6.36 -23.00
C LEU C 132 5.18 -4.94 -23.35
N CYS C 133 4.53 -4.27 -22.39
CA CYS C 133 4.06 -2.91 -22.56
C CYS C 133 4.75 -2.05 -21.52
N LEU C 134 5.19 -0.87 -21.95
CA LEU C 134 5.78 0.11 -21.05
C LEU C 134 4.86 1.33 -21.00
N PHE C 135 4.32 1.62 -19.82
CA PHE C 135 3.49 2.81 -19.58
C PHE C 135 4.44 3.83 -19.00
N THR C 136 4.60 4.96 -19.67
CA THR C 136 5.61 5.89 -19.24
C THR C 136 5.20 7.36 -19.35
N ASP C 137 5.88 8.20 -18.57
CA ASP C 137 5.72 9.66 -18.61
C ASP C 137 4.35 10.19 -18.15
N PHE C 138 3.67 9.41 -17.34
CA PHE C 138 2.41 9.84 -16.74
C PHE C 138 2.70 10.67 -15.48
N ASP C 139 1.71 11.43 -14.99
CA ASP C 139 1.92 12.32 -13.84
C ASP C 139 1.92 11.53 -12.50
N SER C 140 2.44 12.16 -11.45
CA SER C 140 2.69 11.45 -10.17
C SER C 140 1.48 11.07 -9.31
N GLN C 141 0.29 11.56 -9.66
CA GLN C 141 -0.93 11.29 -8.89
C GLN C 141 -1.75 10.21 -9.56
N ILE C 142 -1.39 9.87 -10.79
CA ILE C 142 -2.09 8.90 -11.58
C ILE C 142 -1.92 7.53 -10.96
N ASN C 143 -3.03 6.81 -10.89
CA ASN C 143 -3.06 5.44 -10.40
C ASN C 143 -2.72 4.42 -11.51
N VAL C 144 -1.70 3.59 -11.28
CA VAL C 144 -1.35 2.54 -12.22
C VAL C 144 -2.35 1.41 -12.01
N PRO C 145 -2.96 0.91 -13.10
CA PRO C 145 -3.95 -0.14 -12.99
C PRO C 145 -3.34 -1.46 -12.51
N LYS C 146 -4.15 -2.25 -11.83
CA LYS C 146 -3.75 -3.57 -11.40
C LYS C 146 -4.58 -4.56 -12.21
N THR C 147 -4.08 -5.77 -12.42
CA THR C 147 -4.83 -6.77 -13.18
C THR C 147 -5.12 -8.03 -12.35
N MET C 148 -6.14 -8.77 -12.76
CA MET C 148 -6.57 -10.02 -12.11
C MET C 148 -6.63 -11.16 -13.13
N GLU C 149 -6.42 -10.82 -14.40
CA GLU C 149 -6.44 -11.81 -15.49
C GLU C 149 -5.19 -12.68 -15.40
N SER C 150 -5.37 -14.00 -15.36
CA SER C 150 -4.21 -14.90 -15.22
C SER C 150 -3.26 -14.76 -16.41
N GLY C 151 -1.97 -14.90 -16.13
CA GLY C 151 -0.92 -14.74 -17.14
C GLY C 151 -0.54 -13.31 -17.41
N THR C 152 -1.32 -12.36 -16.86
CA THR C 152 -1.11 -10.92 -17.05
C THR C 152 -0.63 -10.30 -15.73
N PHE C 153 0.39 -9.44 -15.82
CA PHE C 153 0.99 -8.80 -14.65
C PHE C 153 1.35 -7.37 -14.98
N ILE C 154 1.19 -6.50 -13.99
CA ILE C 154 1.49 -5.08 -14.12
C ILE C 154 2.32 -4.72 -12.89
N THR C 155 3.42 -4.02 -13.09
CA THR C 155 4.28 -3.67 -11.97
C THR C 155 3.77 -2.41 -11.33
N ASP C 156 4.24 -2.11 -10.11
CA ASP C 156 3.99 -0.82 -9.49
C ASP C 156 4.79 0.27 -10.21
N LYS C 157 4.36 1.52 -10.03
CA LYS C 157 5.09 2.66 -10.55
C LYS C 157 6.53 2.63 -10.03
N CYS C 158 7.46 2.90 -10.92
CA CYS C 158 8.88 2.98 -10.58
C CYS C 158 9.30 4.34 -11.14
N VAL C 159 9.87 5.20 -10.30
CA VAL C 159 10.39 6.53 -10.69
C VAL C 159 11.87 6.45 -11.10
N LEU C 160 12.16 7.02 -12.26
CA LEU C 160 13.46 6.98 -12.86
C LEU C 160 13.98 8.41 -13.02
N ASP C 161 15.26 8.62 -12.70
CA ASP C 161 15.86 9.94 -12.84
C ASP C 161 17.07 9.80 -13.75
N MET C 162 17.06 10.49 -14.89
CA MET C 162 18.20 10.45 -15.81
C MET C 162 19.36 11.37 -15.39
N LYS C 163 19.17 12.15 -14.33
CA LYS C 163 20.22 13.02 -13.75
C LYS C 163 20.72 14.09 -14.72
N SER C 167 15.82 14.59 -16.40
CA SER C 167 14.43 14.19 -16.56
C SER C 167 14.02 13.06 -15.60
N LYS C 168 13.15 13.39 -14.66
CA LYS C 168 12.55 12.40 -13.77
C LYS C 168 11.27 11.94 -14.43
N SER C 169 11.02 10.63 -14.44
CA SER C 169 9.81 10.08 -15.06
C SER C 169 9.25 8.81 -14.42
N ASN C 170 7.93 8.71 -14.45
CA ASN C 170 7.19 7.58 -13.91
C ASN C 170 7.00 6.53 -14.96
N GLY C 171 7.06 5.27 -14.55
CA GLY C 171 6.83 4.17 -15.48
C GLY C 171 6.30 2.93 -14.79
N ALA C 172 5.62 2.09 -15.55
CA ALA C 172 5.17 0.77 -15.08
C ALA C 172 5.26 -0.16 -16.28
N ILE C 173 5.43 -1.45 -16.00
CA ILE C 173 5.62 -2.47 -17.04
C ILE C 173 4.50 -3.51 -16.92
N ALA C 174 4.05 -4.03 -18.06
CA ALA C 174 3.07 -5.12 -18.09
C ALA C 174 3.43 -6.17 -19.10
N TRP C 175 3.00 -7.41 -18.85
CA TRP C 175 3.18 -8.53 -19.79
C TRP C 175 2.07 -9.54 -19.61
N SER C 176 1.83 -10.36 -20.63
CA SER C 176 0.78 -11.36 -20.55
C SER C 176 1.18 -12.60 -21.34
N ASN C 177 0.54 -13.73 -21.03
CA ASN C 177 0.74 -14.95 -21.81
C ASN C 177 -0.50 -15.19 -22.69
N GLN C 178 -1.52 -14.35 -22.51
CA GLN C 178 -2.79 -14.46 -23.25
C GLN C 178 -2.60 -14.02 -24.70
N THR C 179 -2.91 -14.94 -25.62
CA THR C 179 -2.68 -14.78 -27.06
C THR C 179 -2.84 -13.38 -27.65
N SER C 180 -4.06 -12.87 -27.72
CA SER C 180 -4.31 -11.61 -28.44
C SER C 180 -4.80 -10.46 -27.59
N PHE C 181 -4.10 -10.21 -26.48
CA PHE C 181 -4.35 -9.05 -25.64
C PHE C 181 -3.36 -7.96 -26.02
N THR C 182 -3.88 -6.74 -26.16
CA THR C 182 -3.09 -5.60 -26.61
C THR C 182 -2.69 -4.71 -25.44
N CYS C 183 -1.76 -3.79 -25.71
CA CYS C 183 -1.36 -2.76 -24.75
C CYS C 183 -2.57 -1.92 -24.39
N GLN C 184 -3.42 -1.67 -25.39
CA GLN C 184 -4.66 -0.91 -25.27
C GLN C 184 -5.56 -1.42 -24.15
N ASP C 185 -5.76 -2.73 -24.10
CA ASP C 185 -6.62 -3.34 -23.09
C ASP C 185 -6.10 -3.12 -21.67
N ILE C 186 -4.83 -3.45 -21.44
CA ILE C 186 -4.18 -3.38 -20.13
C ILE C 186 -4.17 -1.99 -19.42
N PHE C 187 -3.87 -0.91 -20.15
CA PHE C 187 -3.72 0.45 -19.57
C PHE C 187 -4.84 1.48 -19.91
N LYS C 188 -4.90 2.60 -19.17
CA LYS C 188 -5.96 3.65 -19.32
C LYS C 188 -5.49 5.12 -19.24
N GLU C 189 -6.00 5.96 -20.16
CA GLU C 189 -5.70 7.41 -20.30
C GLU C 189 -4.25 7.74 -20.74
N THR C 190 -3.98 7.42 -22.00
CA THR C 190 -2.65 7.43 -22.54
C THR C 190 -2.78 7.34 -24.06
N ASN C 191 -1.75 7.73 -24.81
CA ASN C 191 -1.75 7.38 -26.24
C ASN C 191 -0.94 6.09 -26.49
N ALA C 192 -1.41 5.28 -27.43
CA ALA C 192 -0.81 3.97 -27.72
C ALA C 192 -0.13 4.03 -29.09
N THR C 193 1.06 4.62 -29.10
CA THR C 193 1.80 4.92 -30.32
C THR C 193 2.32 3.67 -31.03
N ALA D 3 34.70 -3.14 8.10
CA ALA D 3 35.36 -3.76 9.26
C ALA D 3 34.46 -4.74 10.00
N VAL D 4 33.16 -4.81 9.69
CA VAL D 4 32.29 -5.90 10.18
C VAL D 4 31.86 -6.68 8.93
N THR D 5 32.34 -7.91 8.80
CA THR D 5 32.08 -8.75 7.63
C THR D 5 31.26 -9.99 7.97
N GLN D 6 30.09 -10.14 7.33
CA GLN D 6 29.22 -11.31 7.53
C GLN D 6 29.35 -12.28 6.38
N SER D 7 29.33 -13.58 6.69
CA SER D 7 29.31 -14.59 5.64
C SER D 7 28.49 -15.80 6.08
N PRO D 8 27.72 -16.39 5.15
CA PRO D 8 27.58 -15.92 3.76
C PRO D 8 26.71 -14.67 3.70
N ARG D 9 26.69 -13.97 2.56
CA ARG D 9 25.81 -12.81 2.39
C ARG D 9 24.40 -13.25 1.94
N ASN D 10 24.33 -14.45 1.38
CA ASN D 10 23.08 -15.05 0.93
C ASN D 10 23.11 -16.52 1.21
N LYS D 11 21.96 -17.07 1.60
CA LYS D 11 21.89 -18.50 1.91
C LYS D 11 20.50 -19.07 1.69
N VAL D 12 20.44 -20.23 1.03
CA VAL D 12 19.20 -20.98 0.91
C VAL D 12 19.36 -22.26 1.76
N ALA D 13 18.41 -22.50 2.65
CA ALA D 13 18.48 -23.70 3.48
C ALA D 13 17.17 -24.46 3.48
N VAL D 14 17.24 -25.71 3.91
CA VAL D 14 16.07 -26.59 4.02
C VAL D 14 15.59 -26.63 5.46
N THR D 15 14.28 -26.74 5.63
CA THR D 15 13.67 -26.94 6.95
C THR D 15 14.29 -28.16 7.62
N GLY D 16 14.85 -27.97 8.81
CA GLY D 16 15.49 -29.07 9.51
C GLY D 16 16.99 -29.09 9.29
N GLY D 17 17.48 -28.27 8.36
CA GLY D 17 18.91 -28.19 8.10
C GLY D 17 19.65 -27.33 9.11
N LYS D 18 20.98 -27.45 9.11
CA LYS D 18 21.79 -26.62 9.97
C LYS D 18 22.35 -25.43 9.17
N VAL D 19 22.31 -24.23 9.78
CA VAL D 19 22.86 -23.00 9.18
C VAL D 19 23.73 -22.26 10.19
N THR D 20 24.92 -21.84 9.76
CA THR D 20 25.83 -21.01 10.56
C THR D 20 26.13 -19.72 9.81
N LEU D 21 25.85 -18.59 10.46
CA LEU D 21 26.21 -17.29 9.91
C LEU D 21 27.41 -16.78 10.70
N SER D 22 28.43 -16.32 10.01
CA SER D 22 29.67 -15.86 10.64
C SER D 22 29.79 -14.35 10.51
N CYS D 23 30.35 -13.77 11.56
CA CYS D 23 30.67 -12.37 11.58
C CYS D 23 32.10 -12.22 12.10
N ASN D 24 32.93 -11.60 11.28
CA ASN D 24 34.30 -11.24 11.63
C ASN D 24 34.33 -9.72 11.75
N GLN D 25 34.95 -9.22 12.81
CA GLN D 25 35.15 -7.78 12.95
C GLN D 25 36.63 -7.47 13.05
N THR D 26 37.02 -6.26 12.67
CA THR D 26 38.40 -5.81 12.84
C THR D 26 38.41 -4.54 13.69
N ASN D 27 37.33 -4.31 14.43
CA ASN D 27 37.20 -3.09 15.25
C ASN D 27 37.77 -3.16 16.66
N ASN D 28 38.22 -4.36 17.05
CA ASN D 28 38.69 -4.65 18.41
C ASN D 28 37.65 -4.22 19.46
N HIS D 29 36.37 -4.43 19.12
CA HIS D 29 35.26 -4.12 20.00
C HIS D 29 34.97 -5.35 20.82
N ASN D 30 34.75 -5.16 22.11
CA ASN D 30 34.42 -6.25 23.01
C ASN D 30 33.04 -6.86 22.74
N ASN D 31 32.07 -6.00 22.44
CA ASN D 31 30.69 -6.43 22.22
C ASN D 31 30.36 -6.75 20.77
N MET D 32 29.65 -7.86 20.58
CA MET D 32 29.13 -8.20 19.28
C MET D 32 27.66 -8.60 19.43
N TYR D 33 26.92 -8.45 18.33
CA TYR D 33 25.46 -8.60 18.32
C TYR D 33 24.97 -9.26 17.01
N TRP D 34 23.92 -10.07 17.11
CA TRP D 34 23.24 -10.63 15.94
C TRP D 34 21.80 -10.18 16.05
N TYR D 35 21.33 -9.51 15.00
CA TYR D 35 19.95 -9.08 14.87
C TYR D 35 19.32 -9.73 13.65
N ARG D 36 17.99 -9.74 13.60
CA ARG D 36 17.28 -10.02 12.37
C ARG D 36 16.34 -8.84 12.12
N GLN D 37 16.13 -8.54 10.83
CA GLN D 37 15.24 -7.48 10.39
C GLN D 37 14.03 -8.07 9.70
N ASP D 38 12.85 -7.62 10.14
CA ASP D 38 11.58 -8.04 9.57
C ASP D 38 10.65 -6.84 9.55
N THR D 39 9.81 -6.75 8.52
CA THR D 39 8.88 -5.63 8.41
C THR D 39 7.95 -5.54 9.62
N GLY D 40 7.85 -4.36 10.22
CA GLY D 40 7.00 -4.13 11.38
C GLY D 40 7.71 -4.34 12.70
N HIS D 41 8.97 -4.79 12.62
CA HIS D 41 9.79 -5.03 13.79
C HIS D 41 11.14 -4.34 13.77
N GLY D 42 11.49 -3.63 12.70
CA GLY D 42 12.86 -3.04 12.57
C GLY D 42 13.89 -4.16 12.75
N LEU D 43 14.97 -3.91 13.49
CA LEU D 43 15.94 -4.95 13.84
C LEU D 43 15.68 -5.39 15.26
N ARG D 44 15.65 -6.70 15.47
CA ARG D 44 15.46 -7.28 16.80
C ARG D 44 16.67 -8.14 17.19
N LEU D 45 17.12 -7.97 18.43
CA LEU D 45 18.32 -8.65 18.91
C LEU D 45 18.09 -10.10 19.23
N ILE D 46 18.90 -10.97 18.64
CA ILE D 46 18.81 -12.42 18.87
C ILE D 46 19.71 -12.92 20.02
N HIS D 47 21.02 -12.69 19.88
CA HIS D 47 22.02 -12.99 20.89
C HIS D 47 23.07 -11.90 20.82
N TYR D 48 23.77 -11.70 21.93
CA TYR D 48 24.89 -10.78 21.94
C TYR D 48 26.03 -11.35 22.79
N SER D 49 27.13 -10.60 22.87
CA SER D 49 28.33 -11.07 23.54
C SER D 49 29.12 -9.88 24.11
N TYR D 50 29.61 -10.02 25.35
CA TYR D 50 30.44 -9.01 26.03
C TYR D 50 31.94 -9.15 25.77
N GLY D 51 32.31 -10.20 25.06
CA GLY D 51 33.71 -10.53 24.83
C GLY D 51 33.85 -12.00 24.50
N ALA D 52 35.07 -12.41 24.11
CA ALA D 52 35.33 -13.81 23.81
C ALA D 52 34.89 -14.73 24.96
N GLY D 53 34.14 -15.77 24.61
CA GLY D 53 33.66 -16.73 25.62
C GLY D 53 32.28 -16.42 26.16
N SER D 54 31.75 -15.24 25.80
CA SER D 54 30.43 -14.81 26.26
C SER D 54 29.37 -14.93 25.19
N THR D 55 28.25 -15.55 25.54
CA THR D 55 27.08 -15.55 24.66
C THR D 55 25.92 -15.25 25.60
N GLU D 56 25.11 -14.26 25.23
CA GLU D 56 24.01 -13.79 26.08
C GLU D 56 22.73 -13.75 25.25
N LYS D 57 21.62 -14.19 25.82
CA LYS D 57 20.36 -14.16 25.06
C LYS D 57 19.89 -12.74 24.86
N GLY D 58 19.42 -12.44 23.66
CA GLY D 58 18.82 -11.14 23.35
C GLY D 58 17.32 -11.17 23.55
N ASP D 59 16.61 -10.36 22.78
CA ASP D 59 15.15 -10.29 22.92
C ASP D 59 14.42 -11.49 22.33
N ILE D 60 14.93 -12.04 21.23
CA ILE D 60 14.30 -13.16 20.53
C ILE D 60 15.27 -14.33 20.28
N PRO D 61 15.77 -14.96 21.36
CA PRO D 61 16.83 -15.93 21.19
C PRO D 61 16.38 -17.31 20.68
N ASP D 62 15.07 -17.60 20.72
CA ASP D 62 14.57 -18.96 20.50
C ASP D 62 14.82 -19.52 19.10
N GLY D 63 15.40 -20.71 19.06
CA GLY D 63 15.73 -21.33 17.78
C GLY D 63 17.11 -21.00 17.23
N TYR D 64 17.86 -20.21 17.99
CA TYR D 64 19.21 -19.80 17.62
C TYR D 64 20.19 -20.04 18.77
N LYS D 65 21.46 -20.31 18.42
CA LYS D 65 22.54 -20.41 19.40
C LYS D 65 23.57 -19.47 18.87
N ALA D 66 24.49 -19.04 19.72
CA ALA D 66 25.61 -18.22 19.27
C ALA D 66 26.92 -18.76 19.80
N SER D 67 28.02 -18.27 19.25
CA SER D 67 29.34 -18.64 19.71
C SER D 67 30.31 -17.49 19.50
N ARG D 68 31.08 -17.20 20.53
CA ARG D 68 32.10 -16.18 20.46
C ARG D 68 33.45 -16.83 20.81
N PRO D 69 34.08 -17.53 19.84
CA PRO D 69 35.33 -18.25 20.14
C PRO D 69 36.54 -17.31 20.29
N SER D 70 36.39 -16.08 19.81
CA SER D 70 37.48 -15.09 19.88
C SER D 70 36.88 -13.69 19.83
N GLN D 71 37.71 -12.69 20.09
CA GLN D 71 37.29 -11.28 20.00
C GLN D 71 36.74 -10.92 18.62
N GLU D 72 37.37 -11.46 17.58
CA GLU D 72 37.02 -11.07 16.20
C GLU D 72 35.79 -11.77 15.62
N ASN D 73 35.44 -12.94 16.16
CA ASN D 73 34.43 -13.78 15.56
C ASN D 73 33.20 -14.03 16.42
N PHE D 74 32.02 -13.84 15.83
CA PHE D 74 30.75 -14.12 16.51
C PHE D 74 29.83 -14.82 15.52
N SER D 75 29.49 -16.08 15.82
CA SER D 75 28.68 -16.82 14.88
C SER D 75 27.26 -17.07 15.41
N LEU D 76 26.31 -17.18 14.48
CA LEU D 76 24.92 -17.42 14.79
C LEU D 76 24.60 -18.77 14.20
N ILE D 77 24.08 -19.67 15.04
CA ILE D 77 23.81 -21.02 14.60
C ILE D 77 22.34 -21.39 14.68
N LEU D 78 21.82 -21.91 13.57
CA LEU D 78 20.44 -22.40 13.49
C LEU D 78 20.60 -23.89 13.33
N GLU D 79 20.41 -24.62 14.42
CA GLU D 79 20.64 -26.06 14.43
C GLU D 79 19.57 -26.80 13.64
N LEU D 80 18.33 -26.30 13.71
CA LEU D 80 17.21 -26.95 13.04
C LEU D 80 16.37 -25.87 12.38
N ALA D 81 16.80 -25.45 11.19
CA ALA D 81 16.20 -24.34 10.45
C ALA D 81 14.70 -24.48 10.28
N THR D 82 13.97 -23.37 10.41
CA THR D 82 12.51 -23.38 10.19
C THR D 82 12.17 -22.23 9.25
N PRO D 83 11.06 -22.35 8.49
CA PRO D 83 10.65 -21.23 7.62
C PRO D 83 10.52 -19.88 8.34
N SER D 84 10.14 -19.91 9.62
CA SER D 84 10.00 -18.68 10.41
C SER D 84 11.33 -17.91 10.48
N GLN D 85 12.43 -18.61 10.19
CA GLN D 85 13.77 -18.01 10.27
C GLN D 85 14.22 -17.32 8.97
N THR D 86 13.38 -17.39 7.94
CA THR D 86 13.60 -16.60 6.72
C THR D 86 13.60 -15.14 7.12
N SER D 87 14.70 -14.44 6.86
CA SER D 87 14.83 -13.05 7.30
C SER D 87 16.12 -12.45 6.74
N VAL D 88 16.39 -11.19 7.12
CA VAL D 88 17.65 -10.55 6.80
C VAL D 88 18.36 -10.37 8.14
N TYR D 89 19.59 -10.88 8.20
CA TYR D 89 20.38 -10.88 9.46
C TYR D 89 21.48 -9.85 9.42
N PHE D 90 21.64 -9.09 10.51
CA PHE D 90 22.73 -8.12 10.65
C PHE D 90 23.49 -8.40 11.90
N CYS D 91 24.80 -8.37 11.74
CA CYS D 91 25.64 -8.49 12.89
C CYS D 91 26.18 -7.08 13.14
N ALA D 92 26.63 -6.83 14.37
CA ALA D 92 27.15 -5.53 14.71
C ALA D 92 28.26 -5.70 15.75
N SER D 93 29.16 -4.73 15.79
CA SER D 93 30.13 -4.69 16.88
C SER D 93 29.96 -3.35 17.58
N GLY D 94 30.27 -3.31 18.87
CA GLY D 94 30.09 -2.08 19.64
C GLY D 94 30.99 -1.94 20.86
N GLY D 95 31.25 -0.69 21.23
CA GLY D 95 32.02 -0.31 22.41
C GLY D 95 32.34 1.17 22.33
N GLY D 96 32.59 1.80 23.48
CA GLY D 96 32.98 3.21 23.50
C GLY D 96 31.90 4.17 23.00
N GLY D 97 30.63 3.75 23.14
CA GLY D 97 29.49 4.56 22.73
C GLY D 97 29.21 4.54 21.24
N THR D 98 29.78 3.58 20.51
CA THR D 98 29.59 3.50 19.05
C THR D 98 29.18 2.10 18.62
N LEU D 99 28.53 2.00 17.46
CA LEU D 99 28.00 0.72 16.98
C LEU D 99 28.20 0.56 15.48
N TYR D 100 28.79 -0.55 15.04
CA TYR D 100 29.05 -0.78 13.61
C TYR D 100 28.33 -1.99 13.10
N PHE D 101 27.53 -1.82 12.05
CA PHE D 101 26.73 -2.91 11.52
C PHE D 101 27.37 -3.57 10.30
N GLY D 102 27.17 -4.87 10.14
CA GLY D 102 27.52 -5.56 8.90
C GLY D 102 26.53 -5.24 7.77
N ALA D 103 26.80 -5.78 6.58
CA ALA D 103 26.01 -5.46 5.38
C ALA D 103 24.69 -6.24 5.24
N GLY D 104 24.53 -7.30 6.05
CA GLY D 104 23.29 -8.05 6.04
C GLY D 104 23.44 -9.37 5.32
N THR D 105 22.73 -10.37 5.82
CA THR D 105 22.70 -11.69 5.20
C THR D 105 21.26 -12.04 4.90
N ARG D 106 20.93 -12.35 3.63
CA ARG D 106 19.60 -12.85 3.27
C ARG D 106 19.52 -14.38 3.39
N LEU D 107 18.60 -14.84 4.21
CA LEU D 107 18.40 -16.27 4.44
C LEU D 107 16.97 -16.67 4.10
N SER D 108 16.86 -17.72 3.27
CA SER D 108 15.58 -18.38 2.98
C SER D 108 15.59 -19.81 3.44
N VAL D 109 14.61 -20.17 4.26
CA VAL D 109 14.48 -21.55 4.70
C VAL D 109 13.27 -22.12 3.98
N LEU D 110 13.52 -23.11 3.11
CA LEU D 110 12.49 -23.68 2.26
C LEU D 110 12.20 -25.11 2.69
N GLU D 111 10.94 -25.51 2.57
CA GLU D 111 10.55 -26.89 2.91
C GLU D 111 11.29 -27.91 2.06
N ASP D 112 11.47 -27.56 0.80
CA ASP D 112 12.04 -28.47 -0.19
C ASP D 112 12.92 -27.66 -1.14
N LEU D 113 14.09 -28.19 -1.48
CA LEU D 113 14.94 -27.56 -2.47
C LEU D 113 14.48 -27.83 -3.90
N ARG D 114 13.48 -28.69 -4.05
CA ARG D 114 12.97 -29.12 -5.35
C ARG D 114 12.42 -27.99 -6.22
N ASN D 115 11.92 -26.94 -5.58
CA ASN D 115 11.36 -25.82 -6.32
C ASN D 115 12.36 -24.70 -6.67
N VAL D 116 13.59 -24.82 -6.15
CA VAL D 116 14.63 -23.80 -6.39
C VAL D 116 15.00 -23.81 -7.86
N THR D 117 14.90 -22.64 -8.49
CA THR D 117 15.11 -22.49 -9.94
C THR D 117 15.69 -21.10 -10.27
N PRO D 118 16.69 -21.02 -11.17
CA PRO D 118 17.26 -19.73 -11.58
C PRO D 118 16.35 -18.92 -12.54
N PRO D 119 16.61 -17.60 -12.71
CA PRO D 119 15.72 -16.85 -13.60
C PRO D 119 16.02 -17.04 -15.08
N LYS D 120 14.99 -16.82 -15.90
CA LYS D 120 15.16 -16.65 -17.32
C LYS D 120 15.11 -15.12 -17.50
N VAL D 121 16.12 -14.58 -18.17
CA VAL D 121 16.29 -13.13 -18.31
C VAL D 121 16.12 -12.72 -19.77
N SER D 122 15.25 -11.72 -20.00
CA SER D 122 14.96 -11.23 -21.34
C SER D 122 15.14 -9.73 -21.41
N LEU D 123 15.76 -9.27 -22.48
CA LEU D 123 15.91 -7.84 -22.67
C LEU D 123 15.02 -7.37 -23.83
N PHE D 124 14.03 -6.52 -23.51
CA PHE D 124 13.10 -6.02 -24.52
C PHE D 124 13.66 -4.69 -25.05
N GLU D 125 13.77 -4.59 -26.38
CA GLU D 125 14.42 -3.44 -27.00
C GLU D 125 13.48 -2.20 -27.05
N PRO D 126 14.05 -0.98 -27.06
CA PRO D 126 13.22 0.26 -27.08
C PRO D 126 12.31 0.46 -28.29
N SER D 127 11.13 1.00 -28.02
CA SER D 127 10.14 1.32 -29.05
C SER D 127 10.66 2.43 -29.98
N LYS D 128 10.50 2.23 -31.30
CA LYS D 128 10.88 3.29 -32.24
C LYS D 128 9.97 4.49 -32.05
N ALA D 129 8.76 4.25 -31.54
CA ALA D 129 7.80 5.34 -31.25
C ALA D 129 8.26 6.28 -30.14
N GLU D 130 8.76 5.72 -29.03
CA GLU D 130 9.34 6.53 -27.93
C GLU D 130 10.57 7.30 -28.45
N ILE D 131 11.42 6.60 -29.20
CA ILE D 131 12.62 7.18 -29.76
C ILE D 131 12.29 8.41 -30.62
N ALA D 132 11.31 8.25 -31.51
CA ALA D 132 10.90 9.30 -32.44
C ALA D 132 10.12 10.44 -31.79
N ASN D 133 9.32 10.12 -30.77
CA ASN D 133 8.46 11.12 -30.16
C ASN D 133 9.08 11.90 -28.99
N LYS D 134 9.92 11.22 -28.21
CA LYS D 134 10.53 11.78 -27.01
C LYS D 134 12.06 11.93 -27.05
N GLN D 135 12.70 11.44 -28.11
CA GLN D 135 14.18 11.48 -28.24
C GLN D 135 14.84 10.71 -27.08
N LYS D 136 14.15 9.69 -26.59
CA LYS D 136 14.64 8.82 -25.53
C LYS D 136 14.34 7.37 -25.86
N ALA D 137 15.14 6.46 -25.31
CA ALA D 137 14.98 5.04 -25.57
C ALA D 137 14.96 4.27 -24.25
N THR D 138 13.86 3.58 -23.96
CA THR D 138 13.78 2.76 -22.73
C THR D 138 13.93 1.27 -23.02
N LEU D 139 14.98 0.69 -22.45
CA LEU D 139 15.19 -0.74 -22.48
C LEU D 139 14.55 -1.34 -21.23
N VAL D 140 13.91 -2.50 -21.37
CA VAL D 140 13.28 -3.18 -20.23
C VAL D 140 13.86 -4.59 -20.06
N CYS D 141 14.31 -4.86 -18.85
CA CYS D 141 14.79 -6.18 -18.50
C CYS D 141 13.79 -6.87 -17.60
N LEU D 142 13.50 -8.11 -17.94
CA LEU D 142 12.52 -8.90 -17.25
C LEU D 142 13.14 -10.23 -16.84
N ALA D 143 13.16 -10.48 -15.54
CA ALA D 143 13.65 -11.75 -15.00
C ALA D 143 12.43 -12.51 -14.49
N ARG D 144 12.27 -13.74 -14.98
CA ARG D 144 11.11 -14.56 -14.65
C ARG D 144 11.43 -15.99 -14.26
N GLY D 145 10.47 -16.62 -13.58
CA GLY D 145 10.54 -18.04 -13.22
C GLY D 145 11.58 -18.45 -12.20
N PHE D 146 11.98 -17.53 -11.32
CA PHE D 146 12.99 -17.85 -10.31
C PHE D 146 12.38 -18.12 -8.92
N PHE D 147 13.11 -18.89 -8.11
CA PHE D 147 12.71 -19.23 -6.76
C PHE D 147 13.97 -19.69 -6.01
N PRO D 148 14.20 -19.20 -4.77
CA PRO D 148 13.46 -18.15 -4.05
C PRO D 148 13.87 -16.78 -4.60
N ASP D 149 13.53 -15.69 -3.92
CA ASP D 149 13.80 -14.37 -4.51
C ASP D 149 15.12 -13.63 -4.16
N HIS D 150 16.21 -14.37 -3.97
CA HIS D 150 17.51 -13.75 -3.68
C HIS D 150 18.13 -13.39 -5.02
N VAL D 151 17.69 -12.27 -5.59
CA VAL D 151 18.28 -11.83 -6.85
C VAL D 151 18.71 -10.38 -6.72
N GLU D 152 19.71 -10.01 -7.50
CA GLU D 152 20.14 -8.62 -7.61
C GLU D 152 20.28 -8.31 -9.08
N LEU D 153 19.62 -7.24 -9.53
CA LEU D 153 19.66 -6.87 -10.93
C LEU D 153 20.51 -5.63 -11.12
N SER D 154 21.37 -5.67 -12.13
CA SER D 154 22.25 -4.57 -12.42
C SER D 154 22.31 -4.36 -13.91
N TRP D 155 22.64 -3.12 -14.30
CA TRP D 155 22.79 -2.75 -15.70
C TRP D 155 24.21 -2.39 -15.99
N TRP D 156 24.67 -2.82 -17.15
CA TRP D 156 26.04 -2.62 -17.56
C TRP D 156 26.06 -2.04 -18.95
N VAL D 157 26.67 -0.87 -19.07
CA VAL D 157 26.77 -0.19 -20.35
C VAL D 157 28.23 -0.08 -20.68
N ASN D 158 28.60 -0.65 -21.84
CA ASN D 158 29.97 -0.60 -22.28
C ASN D 158 30.92 -1.22 -21.28
N GLY D 159 30.40 -2.23 -20.58
CA GLY D 159 31.20 -3.01 -19.60
C GLY D 159 31.31 -2.42 -18.21
N LYS D 160 30.74 -1.24 -17.99
CA LYS D 160 30.73 -0.60 -16.66
C LYS D 160 29.33 -0.53 -16.09
N GLU D 161 29.20 -0.73 -14.78
CA GLU D 161 27.89 -0.63 -14.14
C GLU D 161 27.32 0.82 -14.13
N VAL D 162 26.03 0.93 -14.42
CA VAL D 162 25.33 2.23 -14.40
C VAL D 162 24.20 2.30 -13.38
N HIS D 163 24.00 3.48 -12.80
CA HIS D 163 22.96 3.72 -11.81
C HIS D 163 21.98 4.83 -12.25
N SER D 164 22.51 5.87 -12.91
CA SER D 164 21.68 6.93 -13.51
C SER D 164 20.72 6.35 -14.55
N GLY D 165 19.50 6.86 -14.59
CA GLY D 165 18.51 6.45 -15.56
C GLY D 165 17.95 5.05 -15.43
N VAL D 166 18.15 4.43 -14.26
CA VAL D 166 17.68 3.06 -13.98
C VAL D 166 16.60 3.06 -12.91
N CYS D 167 15.55 2.27 -13.09
CA CYS D 167 14.58 2.00 -12.02
C CYS D 167 14.28 0.50 -12.00
N THR D 168 14.59 -0.17 -10.89
CA THR D 168 14.31 -1.58 -10.74
C THR D 168 13.28 -1.77 -9.64
N ASP D 169 12.34 -2.70 -9.81
CA ASP D 169 11.35 -2.97 -8.78
C ASP D 169 12.09 -3.21 -7.47
N PRO D 170 11.67 -2.56 -6.38
CA PRO D 170 12.35 -2.84 -5.10
C PRO D 170 12.08 -4.26 -4.55
N GLN D 171 11.04 -4.93 -5.03
CA GLN D 171 10.69 -6.29 -4.55
C GLN D 171 10.23 -7.15 -5.72
N ALA D 172 10.72 -8.39 -5.77
CA ALA D 172 10.26 -9.36 -6.76
C ALA D 172 8.78 -9.66 -6.53
N TYR D 173 8.10 -9.93 -7.64
CA TYR D 173 6.68 -10.24 -7.66
C TYR D 173 6.49 -11.75 -7.78
N LYS D 174 5.59 -12.30 -6.98
CA LYS D 174 5.30 -13.73 -7.05
C LYS D 174 4.20 -13.90 -8.07
N GLU D 175 4.45 -14.62 -9.15
CA GLU D 175 3.40 -14.81 -10.16
C GLU D 175 2.73 -16.20 -10.14
N SER D 176 3.29 -17.09 -9.34
CA SER D 176 2.70 -18.39 -9.00
C SER D 176 3.32 -18.82 -7.66
N ASN D 177 2.84 -19.90 -7.07
CA ASN D 177 3.35 -20.32 -5.76
C ASN D 177 4.89 -20.43 -5.65
N TYR D 178 5.54 -20.89 -6.72
CA TYR D 178 7.00 -21.09 -6.69
C TYR D 178 7.72 -20.38 -7.81
N SER D 179 7.24 -19.19 -8.16
CA SER D 179 7.83 -18.44 -9.25
C SER D 179 7.75 -16.93 -9.06
N TYR D 180 8.90 -16.28 -9.02
CA TYR D 180 9.00 -14.82 -8.89
C TYR D 180 9.42 -14.16 -10.20
N CYS D 181 9.11 -12.87 -10.30
CA CYS D 181 9.48 -12.03 -11.42
C CYS D 181 10.01 -10.72 -10.91
N LEU D 182 10.86 -10.09 -11.70
CA LEU D 182 11.47 -8.82 -11.37
C LEU D 182 11.71 -8.06 -12.66
N SER D 183 11.39 -6.78 -12.69
CA SER D 183 11.62 -5.97 -13.88
C SER D 183 12.48 -4.76 -13.53
N SER D 184 13.13 -4.21 -14.56
CA SER D 184 13.95 -3.01 -14.44
C SER D 184 13.91 -2.24 -15.76
N ARG D 185 14.04 -0.90 -15.71
CA ARG D 185 14.05 0.00 -16.90
C ARG D 185 15.41 0.67 -16.88
N LEU D 186 16.00 0.84 -18.06
CA LEU D 186 17.13 1.74 -18.22
C LEU D 186 16.73 2.72 -19.34
N ARG D 187 16.82 4.02 -19.07
CA ARG D 187 16.46 5.01 -20.09
C ARG D 187 17.66 5.85 -20.48
N VAL D 188 17.91 5.93 -21.79
CA VAL D 188 19.05 6.68 -22.33
C VAL D 188 18.56 7.60 -23.45
N SER D 189 19.41 8.51 -23.91
CA SER D 189 19.02 9.37 -25.04
C SER D 189 18.94 8.56 -26.33
N ALA D 190 18.12 9.02 -27.27
CA ALA D 190 18.01 8.37 -28.58
C ALA D 190 19.37 8.34 -29.26
N THR D 191 20.14 9.39 -29.06
CA THR D 191 21.48 9.48 -29.66
C THR D 191 22.40 8.40 -29.11
N PHE D 192 22.25 8.08 -27.83
CA PHE D 192 23.06 7.05 -27.21
C PHE D 192 22.65 5.66 -27.73
N TRP D 193 21.33 5.41 -27.88
CA TRP D 193 20.87 4.13 -28.46
C TRP D 193 21.25 3.96 -29.93
N HIS D 194 21.31 5.07 -30.67
CA HIS D 194 21.64 4.98 -32.11
C HIS D 194 23.11 4.79 -32.43
N ASN D 195 23.97 4.82 -31.41
CA ASN D 195 25.39 4.57 -31.60
C ASN D 195 25.69 3.05 -31.59
N PRO D 196 26.16 2.51 -32.74
CA PRO D 196 26.50 1.08 -32.96
C PRO D 196 27.51 0.51 -31.98
N ARG D 197 28.32 1.38 -31.39
CA ARG D 197 29.35 0.96 -30.44
C ARG D 197 28.76 0.52 -29.11
N ASN D 198 27.70 1.20 -28.69
CA ASN D 198 27.12 1.01 -27.36
C ASN D 198 26.53 -0.35 -27.05
N HIS D 199 26.92 -0.86 -25.85
CA HIS D 199 26.52 -2.19 -25.43
C HIS D 199 25.73 -2.05 -24.16
N PHE D 200 24.56 -2.69 -24.15
CA PHE D 200 23.62 -2.66 -23.03
C PHE D 200 23.40 -4.09 -22.53
N ARG D 201 23.70 -4.35 -21.27
CA ARG D 201 23.51 -5.69 -20.73
C ARG D 201 22.75 -5.59 -19.41
N CYS D 202 21.70 -6.40 -19.28
CA CYS D 202 20.97 -6.54 -18.02
C CYS D 202 21.54 -7.79 -17.34
N GLN D 203 21.97 -7.68 -16.09
CA GLN D 203 22.50 -8.84 -15.40
C GLN D 203 21.74 -9.14 -14.13
N VAL D 204 21.38 -10.41 -13.93
CA VAL D 204 20.71 -10.82 -12.70
C VAL D 204 21.56 -11.84 -11.95
N GLN D 205 22.00 -11.45 -10.76
CA GLN D 205 22.72 -12.40 -9.92
C GLN D 205 21.68 -13.19 -9.13
N PHE D 206 21.70 -14.49 -9.31
CA PHE D 206 20.83 -15.41 -8.59
C PHE D 206 21.60 -16.14 -7.50
N HIS D 207 21.13 -16.02 -6.27
CA HIS D 207 21.75 -16.73 -5.17
C HIS D 207 20.94 -17.99 -4.89
N GLY D 208 21.55 -19.13 -5.22
CA GLY D 208 20.86 -20.40 -5.07
C GLY D 208 21.61 -21.37 -4.19
N LEU D 209 21.69 -22.61 -4.65
CA LEU D 209 22.36 -23.68 -3.92
C LEU D 209 23.88 -23.50 -3.93
N SER D 210 24.51 -24.02 -2.88
CA SER D 210 25.96 -24.03 -2.75
C SER D 210 26.48 -25.40 -3.14
N GLU D 211 27.80 -25.56 -3.18
CA GLU D 211 28.44 -26.82 -3.63
C GLU D 211 28.13 -28.00 -2.72
N GLU D 212 27.99 -27.76 -1.43
CA GLU D 212 27.75 -28.81 -0.46
C GLU D 212 26.28 -29.23 -0.35
N ASP D 213 25.42 -28.60 -1.14
CA ASP D 213 24.00 -28.98 -1.21
C ASP D 213 23.83 -30.18 -2.13
N LYS D 214 23.04 -31.16 -1.68
CA LYS D 214 22.71 -32.33 -2.49
C LYS D 214 21.63 -32.01 -3.54
N TRP D 215 21.80 -32.52 -4.75
CA TRP D 215 20.81 -32.35 -5.81
C TRP D 215 20.60 -33.64 -6.60
N PRO D 216 19.34 -34.11 -6.71
CA PRO D 216 19.06 -35.36 -7.44
C PRO D 216 19.29 -35.26 -8.96
N GLU D 217 19.92 -36.27 -9.56
CA GLU D 217 20.12 -36.28 -11.01
C GLU D 217 18.78 -36.22 -11.72
N GLY D 218 18.76 -35.63 -12.91
CA GLY D 218 17.55 -35.56 -13.71
C GLY D 218 17.24 -34.17 -14.22
N SER D 219 17.72 -33.17 -13.48
CA SER D 219 17.57 -31.77 -13.86
C SER D 219 18.81 -31.02 -13.39
N PRO D 220 19.12 -29.87 -14.02
CA PRO D 220 20.30 -29.11 -13.62
C PRO D 220 20.18 -28.49 -12.21
N LYS D 221 21.29 -28.50 -11.48
CA LYS D 221 21.34 -27.98 -10.12
C LYS D 221 21.28 -26.46 -10.13
N PRO D 222 20.28 -25.86 -9.44
CA PRO D 222 20.09 -24.40 -9.38
C PRO D 222 21.09 -23.69 -8.45
N VAL D 223 22.36 -23.70 -8.84
CA VAL D 223 23.42 -23.06 -8.07
C VAL D 223 23.38 -21.54 -8.25
N THR D 224 24.09 -20.84 -7.38
CA THR D 224 24.30 -19.38 -7.52
C THR D 224 24.96 -19.14 -8.89
N GLN D 225 24.42 -18.17 -9.64
CA GLN D 225 24.89 -17.90 -11.02
C GLN D 225 24.41 -16.52 -11.49
N ASN D 226 25.06 -15.97 -12.52
CA ASN D 226 24.61 -14.73 -13.17
C ASN D 226 23.93 -15.10 -14.50
N ILE D 227 22.77 -14.51 -14.77
CA ILE D 227 22.02 -14.73 -16.00
C ILE D 227 21.89 -13.34 -16.58
N SER D 228 22.09 -13.21 -17.90
CA SER D 228 22.14 -11.92 -18.57
C SER D 228 21.41 -11.95 -19.91
N ALA D 229 20.94 -10.78 -20.33
CA ALA D 229 20.46 -10.60 -21.70
C ALA D 229 21.06 -9.26 -22.17
N GLU D 230 21.34 -9.14 -23.47
CA GLU D 230 22.02 -7.95 -23.98
C GLU D 230 21.61 -7.50 -25.39
N ALA D 231 21.83 -6.22 -25.65
CA ALA D 231 21.52 -5.60 -26.95
C ALA D 231 22.61 -4.61 -27.29
N TRP D 232 22.63 -4.22 -28.59
CA TRP D 232 23.62 -3.33 -29.10
C TRP D 232 22.90 -2.17 -29.82
N GLY D 233 23.48 -0.96 -29.71
CA GLY D 233 22.99 0.21 -30.41
C GLY D 233 22.96 -0.04 -31.90
N ARG D 234 22.21 0.80 -32.60
CA ARG D 234 22.01 0.57 -34.04
C ARG D 234 21.74 1.86 -34.78
N ALA D 235 22.25 1.93 -36.00
CA ALA D 235 22.02 3.06 -36.90
C ALA D 235 20.67 2.91 -37.60
C1 NAG E . 3.56 23.16 -6.88
C2 NAG E . 3.53 23.34 -8.41
C3 NAG E . 4.77 22.73 -9.06
C4 NAG E . 6.04 23.24 -8.37
C5 NAG E . 5.92 22.95 -6.86
C6 NAG E . 7.11 23.38 -6.03
C7 NAG E . 1.33 23.51 -9.40
C8 NAG E . 0.12 22.80 -9.96
N2 NAG E . 2.34 22.75 -8.96
O3 NAG E . 4.86 22.98 -10.45
O4 NAG E . 7.15 22.57 -8.94
O5 NAG E . 4.79 23.66 -6.40
O6 NAG E . 7.47 24.67 -6.48
O7 NAG E . 1.35 24.74 -9.36
C1 NAG E . 8.19 23.47 -9.33
C2 NAG E . 9.49 22.69 -9.47
C3 NAG E . 10.58 23.56 -10.07
C4 NAG E . 10.10 24.31 -11.32
C5 NAG E . 8.76 25.02 -11.04
C6 NAG E . 8.18 25.68 -12.29
C7 NAG E . 10.13 20.81 -8.00
C8 NAG E . 10.55 20.36 -6.63
N2 NAG E . 9.95 22.13 -8.20
O3 NAG E . 11.68 22.75 -10.43
O4 NAG E . 11.05 25.28 -11.66
O5 NAG E . 7.82 24.10 -10.54
O6 NAG E . 7.08 26.46 -11.83
O7 NAG E . 9.95 19.97 -8.87
C1 BMA E . 11.82 24.86 -12.80
C2 BMA E . 12.24 26.12 -13.55
C3 BMA E . 13.17 25.77 -14.72
C4 BMA E . 14.34 24.88 -14.26
C5 BMA E . 13.80 23.68 -13.49
C6 BMA E . 14.93 22.81 -12.94
O2 BMA E . 12.88 26.98 -12.63
O3 BMA E . 13.64 26.94 -15.36
O4 BMA E . 15.12 24.43 -15.36
O5 BMA E . 12.96 24.08 -12.42
O6 BMA E . 14.29 21.73 -12.30
C1 MAN E . 15.19 20.64 -12.01
C2 MAN E . 14.30 19.44 -11.61
C3 MAN E . 13.74 19.61 -10.19
C4 MAN E . 14.80 20.05 -9.17
C5 MAN E . 15.68 21.19 -9.72
C6 MAN E . 16.85 21.51 -8.80
O2 MAN E . 15.06 18.25 -11.68
O3 MAN E . 13.12 18.40 -9.81
O4 MAN E . 14.18 20.45 -7.98
O5 MAN E . 16.18 20.92 -11.03
O6 MAN E . 16.38 22.29 -7.72
C1 FUC E . 7.73 25.58 -5.41
C2 FUC E . 8.49 26.79 -5.95
C3 FUC E . 7.52 27.69 -6.73
C4 FUC E . 6.33 28.07 -5.85
C5 FUC E . 5.63 26.82 -5.32
C6 FUC E . 4.55 27.21 -4.31
O2 FUC E . 9.57 26.45 -6.80
O3 FUC E . 8.20 28.83 -7.17
O4 FUC E . 6.81 28.85 -4.76
O5 FUC E . 6.54 25.93 -4.68
C1 NAG F . 4.66 7.26 22.89
C2 NAG F . 4.42 6.14 23.93
C3 NAG F . 2.92 5.87 24.04
C4 NAG F . 2.14 7.17 24.29
C5 NAG F . 2.46 8.16 23.16
C6 NAG F . 1.71 9.50 23.27
C7 NAG F . 6.24 4.49 24.04
C8 NAG F . 6.88 3.27 23.44
N2 NAG F . 5.10 4.91 23.51
O3 NAG F . 2.68 4.87 25.02
O4 NAG F . 0.76 6.92 24.34
O5 NAG F . 3.87 8.40 23.15
O6 NAG F . 1.88 9.99 24.60
O7 NAG F . 6.79 5.05 25.00
C1 NAG F . 0.14 7.42 25.55
C2 NAG F . -1.38 7.49 25.34
C3 NAG F . -2.14 7.84 26.61
C4 NAG F . -1.65 7.02 27.80
C5 NAG F . -0.11 6.99 27.87
C6 NAG F . 0.37 5.98 28.91
C7 NAG F . -2.32 8.07 23.17
C8 NAG F . -2.60 9.19 22.21
N2 NAG F . -1.71 8.44 24.30
O3 NAG F . -3.52 7.58 26.38
O4 NAG F . -2.16 7.55 29.00
O5 NAG F . 0.46 6.60 26.65
O6 NAG F . 1.68 6.37 29.28
O7 NAG F . -2.63 6.91 22.91
C1 BMA F . -3.23 6.75 29.51
C2 BMA F . -3.22 6.89 31.03
C3 BMA F . -4.46 6.26 31.68
C4 BMA F . -5.74 6.64 30.94
C5 BMA F . -5.62 6.46 29.42
C6 BMA F . -6.85 6.99 28.70
O2 BMA F . -3.13 8.27 31.31
O3 BMA F . -4.56 6.62 33.05
O4 BMA F . -6.79 5.83 31.43
O5 BMA F . -4.48 7.15 28.94
O6 BMA F . -6.70 6.89 27.29
C1 FUC F . 2.25 11.38 24.70
C2 FUC F . 2.06 11.80 26.16
C3 FUC F . 3.05 11.03 27.04
C4 FUC F . 4.49 11.20 26.57
C5 FUC F . 4.61 10.95 25.05
C6 FUC F . 5.99 11.33 24.53
O2 FUC F . 0.74 11.50 26.57
O3 FUC F . 2.91 11.44 28.39
O4 FUC F . 4.97 12.50 26.87
O5 FUC F . 3.60 11.65 24.32
C1 NAG G . -32.39 -4.17 2.97
C2 NAG G . -33.54 -3.59 2.13
C3 NAG G . -33.79 -2.10 2.39
C4 NAG G . -33.70 -1.78 3.88
C5 NAG G . -32.31 -2.23 4.32
C6 NAG G . -31.87 -1.77 5.72
C7 NAG G . -34.15 -4.57 -0.02
C8 NAG G . -33.95 -4.58 -1.51
N2 NAG G . -33.33 -3.81 0.70
O3 NAG G . -35.06 -1.77 1.85
O4 NAG G . -33.94 -0.40 4.10
O5 NAG G . -32.33 -3.63 4.27
O6 NAG G . -32.24 -2.73 6.69
O7 NAG G . -35.05 -5.24 0.48
#